data_9PKF
#
_entry.id   9PKF
#
_cell.length_a   174.169
_cell.length_b   73.018
_cell.length_c   72.921
_cell.angle_alpha   90.000
_cell.angle_beta   90.000
_cell.angle_gamma   90.000
#
_symmetry.space_group_name_H-M   'P 21 21 2'
#
loop_
_entity.id
_entity.type
_entity.pdbx_description
1 polymer 'MHC class I antigen'
2 polymer 'Mur35 Heavy Chain'
3 polymer 'Mur35 Light Chain'
4 polymer 'c18I peptide'
5 polymer Beta-2-microglobulin
6 water water
#
loop_
_entity_poly.entity_id
_entity_poly.type
_entity_poly.pdbx_seq_one_letter_code
_entity_poly.pdbx_strand_id
1 'polypeptide(L)'
;MGSHSMRYFFTSVSRPGRGEPRFIAVGYVDDTQFVRFDSDAASQRMEPRAPWIEQEGPEYWDGETRKVKAHSQTHRVDLG
TLRGYYNQSEAGSHTVQRMYGCDVGSDWRFLRGYHQYAYDGKDYIALKEDLRSWTAADMAAQTTKHKWEAAHVAEQLRAY
LEGTCVEWLRRYLENGKETLQRTDAPKTHMTHHAVSDHEATLRCWALSFYPAEITLTWQRDGEDQTQDTELVETRPAGDG
TFQKWAAVVVPSGQEQRYTCHVQHEGLPKPLTLRWEPGSGGSGGSAGGGLNDIFEAQKIEW
;
A
2 'polypeptide(L)'
;EVQLQQSGPELVKPGASVKISCKASGYTFTDHFMNWVRQSHGKSLEWIGDINPNNGGTSYNQKFKGKATLTVDKSSSTAF
MEVRSLTSDDSAVYYCARRGYYGSFDYWGQGTTLTVSSASTKGPSVFPLAPSSKSTSGGTAALGCLVKDYFPEPVTVSWN
SGALTSGVHTFPAVLQSSGLYSLSSVVTVPSSSLGTQTYICNVNHKPSNTKVDKRVEPKSCHHHHHHHHDYKDDDDK
;
H
3 'polypeptide(L)'
;EIVMTQSPATLSLSPGERATLSCRASQGVSSSYFSWYQQTPGQAPRLLISGASTRATGIPARFSGSGSGTDFTLTISSLQ
PEDFAVYYCQQDYNLPYTFGQGTKLEIKRTVAAPSVFIFPPSDEQLKSGTASVVCLLNNFYPREAKVQWKVDNALQSGNS
QESVTEQDSKDSTYSLSSTLTLSKADYEKHKVYACEVTHQGLSSPVTKSFNRGEC
;
L
4 'polypeptide(L)' FLPSDFFPSI P
5 'polypeptide(L)'
;MIQRTPKIQVYSRHPAENGKSNFLNCYVSGFHPSDIEVDLLKNGERIEKVEHSDLSFSKDWSFYLLYYTEFTPTEKDEYA
CRVNHVTLSQPKIVKWDRDM
;
B
#
# COMPACT_ATOMS: atom_id res chain seq x y z
N GLY A 2 7.55 38.98 10.83
CA GLY A 2 7.08 38.83 9.47
C GLY A 2 6.58 37.43 9.16
N SER A 3 6.36 37.16 7.87
CA SER A 3 5.90 35.86 7.44
C SER A 3 7.07 34.87 7.36
N HIS A 4 6.75 33.59 7.58
CA HIS A 4 7.75 32.54 7.57
C HIS A 4 7.16 31.28 6.94
N SER A 5 8.03 30.32 6.64
CA SER A 5 7.61 29.11 5.97
C SER A 5 8.58 27.98 6.28
N MET A 6 8.04 26.76 6.37
CA MET A 6 8.83 25.54 6.43
C MET A 6 8.52 24.69 5.21
N ARG A 7 9.55 24.29 4.47
CA ARG A 7 9.39 23.51 3.26
C ARG A 7 10.28 22.28 3.30
N TYR A 8 9.78 21.19 2.71
CA TYR A 8 10.54 19.95 2.57
C TYR A 8 10.58 19.54 1.11
N PHE A 9 11.78 19.22 0.63
CA PHE A 9 12.00 18.80 -0.75
C PHE A 9 12.52 17.36 -0.75
N PHE A 10 11.97 16.54 -1.65
CA PHE A 10 12.34 15.14 -1.76
C PHE A 10 12.65 14.81 -3.20
N THR A 11 13.65 13.94 -3.40
CA THR A 11 14.05 13.50 -4.73
C THR A 11 14.50 12.05 -4.66
N SER A 12 13.90 11.21 -5.50
CA SER A 12 14.24 9.79 -5.57
C SER A 12 14.51 9.44 -7.03
N VAL A 13 15.76 9.13 -7.35
CA VAL A 13 16.17 8.78 -8.70
C VAL A 13 16.40 7.27 -8.75
N SER A 14 15.61 6.59 -9.57
CA SER A 14 15.76 5.14 -9.72
C SER A 14 16.97 4.82 -10.58
N ARG A 15 17.70 3.78 -10.19
CA ARG A 15 18.87 3.32 -10.92
C ARG A 15 18.71 1.85 -11.27
N PRO A 16 18.44 1.51 -12.52
CA PRO A 16 18.19 0.11 -12.88
C PRO A 16 19.44 -0.73 -12.71
N GLY A 17 19.29 -1.87 -12.03
CA GLY A 17 20.39 -2.76 -11.76
C GLY A 17 21.20 -2.42 -10.54
N ARG A 18 20.80 -1.41 -9.75
CA ARG A 18 21.54 -0.98 -8.58
C ARG A 18 20.63 -0.91 -7.35
N GLY A 19 19.62 -1.75 -7.30
CA GLY A 19 18.79 -1.90 -6.13
C GLY A 19 17.96 -0.69 -5.73
N GLU A 20 18.34 -0.06 -4.62
CA GLU A 20 17.53 1.00 -4.04
C GLU A 20 17.77 2.32 -4.78
N PRO A 21 16.71 3.08 -5.04
CA PRO A 21 16.88 4.37 -5.71
C PRO A 21 17.55 5.40 -4.80
N ARG A 22 18.18 6.38 -5.45
CA ARG A 22 18.90 7.44 -4.74
C ARG A 22 17.89 8.43 -4.17
N PHE A 23 17.69 8.38 -2.85
CA PHE A 23 16.73 9.24 -2.17
C PHE A 23 17.48 10.34 -1.43
N ILE A 24 17.11 11.60 -1.70
CA ILE A 24 17.72 12.77 -1.08
C ILE A 24 16.60 13.68 -0.60
N ALA A 25 16.71 14.16 0.64
CA ALA A 25 15.69 15.02 1.23
C ALA A 25 16.36 16.19 1.95
N VAL A 26 15.77 17.37 1.81
CA VAL A 26 16.23 18.58 2.48
C VAL A 26 15.04 19.31 3.07
N GLY A 27 15.27 19.96 4.20
CA GLY A 27 14.24 20.76 4.87
C GLY A 27 14.71 22.20 5.00
N TYR A 28 13.76 23.12 4.86
CA TYR A 28 14.06 24.55 4.89
C TYR A 28 13.17 25.28 5.88
N VAL A 29 13.75 26.26 6.56
CA VAL A 29 13.01 27.27 7.31
C VAL A 29 13.35 28.61 6.67
N ASP A 30 12.41 29.16 5.91
CA ASP A 30 12.63 30.36 5.09
C ASP A 30 13.75 30.01 4.11
N ASP A 31 14.76 30.85 3.94
CA ASP A 31 15.88 30.56 3.04
C ASP A 31 17.04 29.90 3.76
N THR A 32 16.76 29.01 4.71
CA THR A 32 17.80 28.39 5.52
C THR A 32 17.54 26.89 5.59
N GLN A 33 18.48 26.09 5.10
CA GLN A 33 18.41 24.64 5.21
C GLN A 33 18.85 24.21 6.60
N PHE A 34 18.11 23.29 7.21
CA PHE A 34 18.41 22.84 8.56
C PHE A 34 18.46 21.33 8.74
N VAL A 35 17.96 20.53 7.78
CA VAL A 35 18.06 19.08 7.85
C VAL A 35 18.33 18.54 6.44
N ARG A 36 18.98 17.38 6.40
CA ARG A 36 19.25 16.70 5.14
C ARG A 36 19.28 15.20 5.38
N PHE A 37 19.09 14.44 4.30
CA PHE A 37 19.20 12.99 4.34
C PHE A 37 19.67 12.51 2.98
N ASP A 38 20.55 11.50 2.99
CA ASP A 38 21.06 10.89 1.77
C ASP A 38 21.09 9.39 1.97
N SER A 39 20.39 8.65 1.10
CA SER A 39 20.36 7.20 1.20
C SER A 39 21.74 6.58 0.95
N ASP A 40 22.65 7.32 0.34
CA ASP A 40 24.01 6.84 0.09
C ASP A 40 24.99 7.25 1.18
N ALA A 41 24.54 7.99 2.18
CA ALA A 41 25.42 8.42 3.26
C ALA A 41 25.68 7.29 4.24
N ALA A 42 26.69 7.47 5.09
CA ALA A 42 27.08 6.41 6.01
C ALA A 42 26.28 6.44 7.31
N SER A 43 25.84 7.63 7.74
CA SER A 43 25.11 7.72 9.00
C SER A 43 23.76 7.02 8.96
N GLN A 44 23.13 6.98 7.78
CA GLN A 44 21.81 6.35 7.60
C GLN A 44 20.79 6.94 8.56
N ARG A 45 20.86 8.25 8.76
CA ARG A 45 19.93 8.94 9.66
C ARG A 45 19.88 10.41 9.28
N MET A 46 18.83 11.08 9.74
CA MET A 46 18.67 12.51 9.48
C MET A 46 19.79 13.29 10.16
N GLU A 47 20.35 14.25 9.43
CA GLU A 47 21.48 15.02 9.92
C GLU A 47 21.17 16.51 9.95
N PRO A 48 21.61 17.22 10.98
CA PRO A 48 21.37 18.67 11.04
C PRO A 48 22.21 19.41 10.01
N ARG A 49 21.69 20.56 9.57
CA ARG A 49 22.39 21.45 8.66
C ARG A 49 22.38 22.89 9.13
N ALA A 50 21.97 23.14 10.37
CA ALA A 50 21.93 24.46 10.97
C ALA A 50 22.32 24.34 12.43
N PRO A 51 22.91 25.38 13.02
CA PRO A 51 23.33 25.26 14.43
C PRO A 51 22.16 25.18 15.41
N TRP A 52 21.06 25.89 15.12
CA TRP A 52 19.98 25.97 16.09
C TRP A 52 19.16 24.68 16.18
N ILE A 53 19.13 23.89 15.10
CA ILE A 53 18.36 22.66 15.12
C ILE A 53 19.02 21.59 15.98
N GLU A 54 20.31 21.73 16.27
CA GLU A 54 21.03 20.77 17.09
C GLU A 54 20.65 20.84 18.57
N GLN A 55 19.75 21.73 18.96
CA GLN A 55 19.25 21.79 20.33
C GLN A 55 18.23 20.72 20.64
N GLU A 56 17.88 19.88 19.67
CA GLU A 56 16.88 18.84 19.85
C GLU A 56 17.55 17.54 20.29
N GLY A 57 16.94 16.88 21.28
CA GLY A 57 17.49 15.68 21.82
C GLY A 57 17.43 14.52 20.85
N PRO A 58 18.00 13.38 21.25
CA PRO A 58 17.99 12.20 20.38
C PRO A 58 16.60 11.68 20.04
N GLU A 59 15.59 12.03 20.85
CA GLU A 59 14.23 11.59 20.54
C GLU A 59 13.69 12.29 19.29
N TYR A 60 14.12 13.52 19.04
CA TYR A 60 13.70 14.21 17.82
C TYR A 60 14.34 13.59 16.59
N TRP A 61 15.65 13.36 16.64
CA TRP A 61 16.36 12.83 15.48
C TRP A 61 16.01 11.38 15.19
N ASP A 62 15.52 10.64 16.19
CA ASP A 62 15.11 9.26 15.95
C ASP A 62 13.81 9.22 15.16
N GLY A 63 12.81 10.01 15.56
CA GLY A 63 11.56 10.03 14.84
C GLY A 63 11.68 10.60 13.45
N GLU A 64 12.52 11.63 13.29
CA GLU A 64 12.72 12.22 11.98
C GLU A 64 13.46 11.26 11.04
N THR A 65 14.34 10.42 11.59
CA THR A 65 15.04 9.45 10.77
C THR A 65 14.09 8.36 10.27
N ARG A 66 13.18 7.90 11.14
CA ARG A 66 12.22 6.87 10.73
C ARG A 66 11.22 7.42 9.73
N LYS A 67 10.83 8.69 9.89
CA LYS A 67 9.83 9.27 9.00
C LYS A 67 10.42 9.54 7.62
N VAL A 68 11.69 9.92 7.54
CA VAL A 68 12.29 10.18 6.24
C VAL A 68 12.57 8.86 5.52
N LYS A 69 12.82 7.79 6.26
CA LYS A 69 12.99 6.48 5.63
C LYS A 69 11.68 5.95 5.08
N ALA A 70 10.56 6.27 5.73
CA ALA A 70 9.25 5.89 5.20
C ALA A 70 8.95 6.64 3.92
N HIS A 71 9.37 7.91 3.83
CA HIS A 71 9.18 8.67 2.60
C HIS A 71 9.90 8.01 1.43
N SER A 72 11.11 7.49 1.66
CA SER A 72 11.83 6.80 0.60
C SER A 72 11.15 5.49 0.23
N GLN A 73 10.59 4.80 1.22
CA GLN A 73 9.88 3.55 0.93
C GLN A 73 8.65 3.79 0.05
N THR A 74 7.99 4.94 0.22
CA THR A 74 6.84 5.25 -0.62
C THR A 74 7.28 5.64 -2.02
N HIS A 75 8.30 6.49 -2.14
CA HIS A 75 8.82 6.87 -3.44
C HIS A 75 9.41 5.68 -4.19
N ARG A 76 9.87 4.65 -3.48
CA ARG A 76 10.34 3.45 -4.14
C ARG A 76 9.19 2.69 -4.80
N VAL A 77 8.08 2.53 -4.09
CA VAL A 77 6.90 1.91 -4.68
C VAL A 77 6.31 2.80 -5.77
N ASP A 78 6.38 4.12 -5.58
CA ASP A 78 5.85 5.04 -6.58
C ASP A 78 6.59 4.90 -7.90
N LEU A 79 7.92 4.80 -7.86
CA LEU A 79 8.70 4.64 -9.08
C LEU A 79 8.33 3.33 -9.79
N GLY A 80 8.11 2.26 -9.03
CA GLY A 80 7.71 1.01 -9.65
C GLY A 80 6.32 1.07 -10.22
N THR A 81 5.40 1.78 -9.55
CA THR A 81 4.05 1.91 -10.06
C THR A 81 4.00 2.85 -11.26
N LEU A 82 4.69 3.99 -11.19
CA LEU A 82 4.72 4.92 -12.31
C LEU A 82 5.37 4.31 -13.54
N ARG A 83 6.29 3.37 -13.34
CA ARG A 83 6.83 2.62 -14.48
C ARG A 83 5.74 1.78 -15.14
N GLY A 84 4.81 1.24 -14.35
CA GLY A 84 3.73 0.47 -14.92
C GLY A 84 2.58 1.32 -15.44
N TYR A 85 2.36 2.49 -14.84
CA TYR A 85 1.30 3.38 -15.32
C TYR A 85 1.58 3.86 -16.74
N TYR A 86 2.84 4.18 -17.03
CA TYR A 86 3.24 4.65 -18.35
C TYR A 86 3.86 3.55 -19.20
N ASN A 87 4.02 2.35 -18.67
CA ASN A 87 4.58 1.20 -19.39
C ASN A 87 5.94 1.56 -19.99
N GLN A 88 6.89 1.81 -19.09
CA GLN A 88 8.24 2.18 -19.46
C GLN A 88 9.19 0.99 -19.26
N SER A 89 10.39 1.13 -19.81
CA SER A 89 11.39 0.08 -19.71
C SER A 89 11.89 -0.07 -18.28
N GLU A 90 12.23 -1.30 -17.90
CA GLU A 90 12.80 -1.59 -16.60
C GLU A 90 14.31 -1.30 -16.55
N ALA A 91 14.91 -0.95 -17.68
CA ALA A 91 16.34 -0.65 -17.74
C ALA A 91 16.61 0.84 -17.87
N GLY A 92 15.60 1.68 -17.72
CA GLY A 92 15.76 3.13 -17.82
C GLY A 92 15.62 3.77 -16.45
N SER A 93 16.26 4.93 -16.29
CA SER A 93 16.23 5.66 -15.04
C SER A 93 15.12 6.71 -15.06
N HIS A 94 14.54 6.95 -13.89
CA HIS A 94 13.45 7.92 -13.75
C HIS A 94 13.58 8.64 -12.41
N THR A 95 12.88 9.77 -12.31
CA THR A 95 12.98 10.63 -11.15
C THR A 95 11.58 11.00 -10.66
N VAL A 96 11.39 10.95 -9.35
CA VAL A 96 10.19 11.46 -8.69
C VAL A 96 10.61 12.54 -7.71
N GLN A 97 9.86 13.64 -7.72
CA GLN A 97 10.13 14.77 -6.84
C GLN A 97 8.85 15.15 -6.12
N ARG A 98 8.94 15.35 -4.80
CA ARG A 98 7.81 15.78 -4.00
C ARG A 98 8.23 16.96 -3.13
N MET A 99 7.33 17.93 -2.99
CA MET A 99 7.57 19.09 -2.17
C MET A 99 6.28 19.51 -1.50
N TYR A 100 6.36 19.91 -0.23
CA TYR A 100 5.22 20.43 0.50
C TYR A 100 5.72 21.32 1.62
N GLY A 101 4.80 22.09 2.19
CA GLY A 101 5.17 22.98 3.28
C GLY A 101 4.01 23.85 3.68
N CYS A 102 4.23 24.59 4.77
CA CYS A 102 3.22 25.48 5.33
C CYS A 102 3.84 26.86 5.56
N ASP A 103 3.02 27.90 5.36
CA ASP A 103 3.44 29.28 5.60
C ASP A 103 2.63 29.87 6.74
N VAL A 104 3.25 30.82 7.44
CA VAL A 104 2.59 31.58 8.49
C VAL A 104 2.74 33.06 8.20
N GLY A 105 1.82 33.85 8.77
CA GLY A 105 1.81 35.29 8.57
C GLY A 105 2.54 36.03 9.67
N SER A 106 2.24 37.33 9.76
CA SER A 106 2.88 38.16 10.78
C SER A 106 2.45 37.75 12.18
N ASP A 107 1.25 37.21 12.33
CA ASP A 107 0.76 36.72 13.62
C ASP A 107 1.23 35.30 13.93
N TRP A 108 2.07 34.72 13.06
CA TRP A 108 2.56 33.35 13.22
C TRP A 108 1.43 32.33 13.24
N ARG A 109 0.30 32.67 12.63
CA ARG A 109 -0.81 31.74 12.42
C ARG A 109 -0.76 31.21 10.99
N PHE A 110 -1.48 30.10 10.78
CA PHE A 110 -1.47 29.45 9.47
C PHE A 110 -1.98 30.40 8.39
N LEU A 111 -1.30 30.41 7.25
CA LEU A 111 -1.65 31.26 6.12
C LEU A 111 -1.96 30.46 4.86
N ARG A 112 -1.05 29.60 4.44
CA ARG A 112 -1.28 28.78 3.25
C ARG A 112 -0.45 27.50 3.35
N GLY A 113 -0.90 26.48 2.62
CA GLY A 113 -0.18 25.24 2.50
C GLY A 113 -0.14 24.79 1.05
N TYR A 114 0.75 23.84 0.77
CA TYR A 114 0.95 23.40 -0.60
C TYR A 114 1.59 22.02 -0.59
N HIS A 115 1.42 21.32 -1.72
CA HIS A 115 2.01 20.00 -1.93
C HIS A 115 2.02 19.72 -3.42
N GLN A 116 3.19 19.37 -3.95
CA GLN A 116 3.33 19.06 -5.36
C GLN A 116 4.14 17.79 -5.56
N TYR A 117 3.85 17.09 -6.65
CA TYR A 117 4.51 15.84 -6.99
C TYR A 117 4.81 15.85 -8.49
N ALA A 118 6.02 15.40 -8.85
CA ALA A 118 6.45 15.40 -10.24
C ALA A 118 7.06 14.05 -10.60
N TYR A 119 7.10 13.78 -11.90
CA TYR A 119 7.71 12.57 -12.44
C TYR A 119 8.48 12.95 -13.70
N ASP A 120 9.79 12.72 -13.68
CA ASP A 120 10.68 13.06 -14.80
C ASP A 120 10.60 14.56 -15.13
N GLY A 121 10.48 15.39 -14.09
CA GLY A 121 10.50 16.82 -14.25
C GLY A 121 9.20 17.46 -14.71
N LYS A 122 8.15 16.67 -14.92
CA LYS A 122 6.86 17.19 -15.35
C LYS A 122 5.86 17.10 -14.21
N ASP A 123 4.94 18.06 -14.16
CA ASP A 123 3.93 18.09 -13.11
C ASP A 123 3.06 16.83 -13.19
N TYR A 124 2.82 16.20 -12.04
CA TYR A 124 2.02 14.99 -11.97
C TYR A 124 0.73 15.25 -11.19
N ILE A 125 0.82 15.54 -9.89
CA ILE A 125 -0.35 15.86 -9.10
C ILE A 125 0.04 16.92 -8.08
N ALA A 126 -0.91 17.80 -7.77
CA ALA A 126 -0.67 18.88 -6.82
C ALA A 126 -1.94 19.15 -6.02
N LEU A 127 -1.75 19.53 -4.76
CA LEU A 127 -2.86 19.88 -3.89
C LEU A 127 -3.28 21.32 -4.15
N LYS A 128 -4.58 21.54 -4.31
CA LYS A 128 -5.08 22.89 -4.53
C LYS A 128 -4.93 23.73 -3.27
N GLU A 129 -5.04 25.05 -3.45
CA GLU A 129 -4.83 25.97 -2.33
C GLU A 129 -5.88 25.77 -1.23
N ASP A 130 -7.09 25.34 -1.59
CA ASP A 130 -8.12 25.08 -0.59
C ASP A 130 -7.80 23.87 0.28
N LEU A 131 -6.74 23.12 -0.04
CA LEU A 131 -6.27 21.99 0.76
C LEU A 131 -7.32 20.89 0.87
N ARG A 132 -8.12 20.71 -0.18
CA ARG A 132 -9.17 19.69 -0.17
C ARG A 132 -9.37 19.00 -1.51
N SER A 133 -8.61 19.34 -2.54
CA SER A 133 -8.78 18.71 -3.85
C SER A 133 -7.43 18.68 -4.56
N TRP A 134 -7.26 17.68 -5.41
CA TRP A 134 -6.02 17.45 -6.14
C TRP A 134 -6.18 17.83 -7.61
N THR A 135 -5.12 18.39 -8.18
CA THR A 135 -5.08 18.72 -9.60
C THR A 135 -4.23 17.68 -10.30
N ALA A 136 -4.86 16.87 -11.15
CA ALA A 136 -4.19 15.78 -11.84
C ALA A 136 -3.77 16.22 -13.23
N ALA A 137 -2.55 15.81 -13.63
CA ALA A 137 -2.01 16.24 -14.92
C ALA A 137 -2.59 15.43 -16.07
N ASP A 138 -2.65 14.11 -15.93
CA ASP A 138 -3.09 13.23 -17.02
C ASP A 138 -3.90 12.09 -16.42
N MET A 139 -4.12 11.05 -17.24
CA MET A 139 -4.95 9.93 -16.82
C MET A 139 -4.28 9.11 -15.73
N ALA A 140 -2.96 8.96 -15.80
CA ALA A 140 -2.24 8.26 -14.75
C ALA A 140 -2.37 8.98 -13.41
N ALA A 141 -2.32 10.33 -13.44
CA ALA A 141 -2.51 11.09 -12.22
C ALA A 141 -3.96 11.08 -11.75
N GLN A 142 -4.91 10.94 -12.68
CA GLN A 142 -6.32 10.83 -12.30
C GLN A 142 -6.57 9.54 -11.54
N THR A 143 -5.90 8.45 -11.92
CA THR A 143 -5.97 7.23 -11.13
C THR A 143 -5.43 7.45 -9.72
N THR A 144 -4.32 8.19 -9.61
CA THR A 144 -3.75 8.48 -8.30
C THR A 144 -4.67 9.38 -7.48
N LYS A 145 -5.30 10.36 -8.13
CA LYS A 145 -6.25 11.22 -7.43
C LYS A 145 -7.41 10.41 -6.88
N HIS A 146 -7.92 9.46 -7.67
CA HIS A 146 -8.97 8.56 -7.19
C HIS A 146 -8.47 7.72 -6.02
N LYS A 147 -7.20 7.30 -6.08
CA LYS A 147 -6.64 6.48 -5.01
C LYS A 147 -6.51 7.28 -3.71
N TRP A 148 -6.15 8.56 -3.82
CA TRP A 148 -5.99 9.39 -2.63
C TRP A 148 -7.32 9.89 -2.09
N GLU A 149 -8.30 10.13 -2.96
CA GLU A 149 -9.63 10.50 -2.50
C GLU A 149 -10.33 9.36 -1.78
N ALA A 150 -9.88 8.12 -1.98
CA ALA A 150 -10.51 6.98 -1.31
C ALA A 150 -10.20 6.99 0.18
N ALA A 151 -8.93 7.22 0.54
CA ALA A 151 -8.51 7.23 1.93
C ALA A 151 -8.46 8.64 2.52
N HIS A 152 -9.00 9.63 1.80
CA HIS A 152 -9.07 11.02 2.26
C HIS A 152 -7.68 11.51 2.69
N VAL A 153 -6.71 11.35 1.80
CA VAL A 153 -5.35 11.78 2.10
C VAL A 153 -5.28 13.29 2.23
N ALA A 154 -6.07 14.01 1.41
CA ALA A 154 -6.08 15.48 1.49
C ALA A 154 -6.55 15.96 2.87
N GLU A 155 -7.45 15.21 3.51
CA GLU A 155 -7.89 15.60 4.85
C GLU A 155 -6.80 15.39 5.87
N GLN A 156 -6.01 14.32 5.72
CA GLN A 156 -4.93 14.07 6.67
C GLN A 156 -3.77 15.03 6.46
N LEU A 157 -3.43 15.32 5.20
CA LEU A 157 -2.39 16.30 4.92
C LEU A 157 -2.81 17.70 5.33
N ARG A 158 -4.11 18.02 5.22
CA ARG A 158 -4.60 19.32 5.66
C ARG A 158 -4.41 19.50 7.17
N ALA A 159 -4.63 18.43 7.94
CA ALA A 159 -4.46 18.52 9.39
C ALA A 159 -3.00 18.71 9.77
N TYR A 160 -2.07 18.18 8.96
CA TYR A 160 -0.65 18.34 9.26
C TYR A 160 -0.19 19.76 8.96
N LEU A 161 -0.56 20.30 7.80
CA LEU A 161 -0.09 21.62 7.40
C LEU A 161 -0.62 22.71 8.32
N GLU A 162 -1.84 22.56 8.83
CA GLU A 162 -2.45 23.59 9.66
C GLU A 162 -2.12 23.42 11.15
N GLY A 163 -1.66 22.25 11.56
CA GLY A 163 -1.36 22.02 12.96
C GLY A 163 0.09 21.71 13.25
N THR A 164 0.51 20.48 12.91
CA THR A 164 1.86 20.04 13.26
C THR A 164 2.93 20.86 12.55
N CYS A 165 2.71 21.16 11.27
CA CYS A 165 3.70 21.91 10.49
C CYS A 165 3.89 23.31 11.06
N VAL A 166 2.80 23.98 11.44
CA VAL A 166 2.90 25.35 11.92
C VAL A 166 3.50 25.39 13.33
N GLU A 167 3.05 24.49 14.21
CA GLU A 167 3.55 24.48 15.58
C GLU A 167 5.06 24.28 15.63
N TRP A 168 5.58 23.34 14.84
CA TRP A 168 7.02 23.13 14.83
C TRP A 168 7.76 24.22 14.07
N LEU A 169 7.08 24.95 13.19
CA LEU A 169 7.70 26.12 12.58
C LEU A 169 7.89 27.22 13.62
N ARG A 170 6.93 27.40 14.53
CA ARG A 170 7.10 28.37 15.60
C ARG A 170 8.23 27.96 16.53
N ARG A 171 8.38 26.65 16.78
CA ARG A 171 9.45 26.19 17.65
C ARG A 171 10.80 26.35 16.98
N TYR A 172 10.87 26.15 15.65
CA TYR A 172 12.12 26.36 14.94
C TYR A 172 12.51 27.83 14.92
N LEU A 173 11.54 28.71 14.68
CA LEU A 173 11.82 30.15 14.70
C LEU A 173 12.26 30.60 16.09
N GLU A 174 11.68 30.01 17.14
CA GLU A 174 12.04 30.40 18.49
C GLU A 174 13.43 29.93 18.86
N ASN A 175 13.73 28.65 18.61
CA ASN A 175 15.06 28.13 18.91
C ASN A 175 16.12 28.73 17.99
N GLY A 176 15.73 29.11 16.78
CA GLY A 176 16.64 29.79 15.87
C GLY A 176 16.41 31.29 15.86
N LYS A 177 16.11 31.84 17.03
CA LYS A 177 15.76 33.26 17.13
C LYS A 177 16.87 34.16 16.62
N GLU A 178 18.11 33.89 17.05
CA GLU A 178 19.23 34.78 16.76
C GLU A 178 19.70 34.70 15.32
N THR A 179 19.14 33.83 14.50
CA THR A 179 19.51 33.75 13.09
C THR A 179 18.32 33.83 12.14
N LEU A 180 17.23 33.12 12.44
CA LEU A 180 16.09 33.11 11.53
C LEU A 180 15.31 34.42 11.58
N GLN A 181 15.34 35.12 12.71
CA GLN A 181 14.59 36.37 12.88
C GLN A 181 15.49 37.60 12.83
N ARG A 182 16.73 37.45 12.40
CA ARG A 182 17.68 38.57 12.30
C ARG A 182 18.00 38.79 10.83
N THR A 183 17.44 39.84 10.25
CA THR A 183 17.71 40.16 8.85
C THR A 183 19.11 40.75 8.70
N ASP A 184 19.72 40.50 7.54
CA ASP A 184 21.05 40.99 7.23
C ASP A 184 20.93 41.97 6.05
N ALA A 185 21.34 43.20 6.29
CA ALA A 185 21.25 44.22 5.24
C ALA A 185 22.30 43.97 4.16
N PRO A 186 21.99 44.23 2.89
CA PRO A 186 22.96 44.00 1.82
C PRO A 186 24.04 45.07 1.82
N LYS A 187 25.30 44.63 1.89
CA LYS A 187 26.43 45.54 1.73
C LYS A 187 26.56 45.93 0.26
N THR A 188 26.50 47.24 -0.02
CA THR A 188 26.39 47.74 -1.38
C THR A 188 27.68 48.36 -1.85
N HIS A 189 28.01 48.12 -3.12
CA HIS A 189 29.12 48.79 -3.80
C HIS A 189 28.84 48.76 -5.29
N MET A 190 29.41 49.74 -6.01
CA MET A 190 29.16 49.89 -7.42
C MET A 190 30.45 49.73 -8.22
N THR A 191 30.31 49.23 -9.45
CA THR A 191 31.43 49.03 -10.35
C THR A 191 31.12 49.67 -11.70
N HIS A 192 32.16 50.13 -12.37
CA HIS A 192 32.04 50.83 -13.65
C HIS A 192 32.95 50.17 -14.67
N HIS A 193 32.42 49.94 -15.87
CA HIS A 193 33.19 49.34 -16.95
C HIS A 193 32.74 49.93 -18.28
N ALA A 194 33.64 49.93 -19.25
CA ALA A 194 33.37 50.42 -20.59
C ALA A 194 33.23 49.22 -21.54
N VAL A 195 32.12 49.16 -22.26
CA VAL A 195 31.84 48.06 -23.15
C VAL A 195 31.74 48.48 -24.61
N SER A 196 31.56 49.77 -24.91
CA SER A 196 31.44 50.23 -26.28
C SER A 196 32.20 51.54 -26.44
N ASP A 197 32.28 52.00 -27.69
CA ASP A 197 32.93 53.28 -27.95
C ASP A 197 32.11 54.46 -27.45
N HIS A 198 30.86 54.26 -27.05
CA HIS A 198 30.04 55.38 -26.63
C HIS A 198 29.24 55.04 -25.38
N GLU A 199 28.96 53.76 -25.19
CA GLU A 199 28.16 53.29 -24.07
C GLU A 199 29.02 52.52 -23.08
N ALA A 200 28.62 52.58 -21.81
CA ALA A 200 29.30 51.91 -20.71
C ALA A 200 28.31 51.01 -19.97
N THR A 201 28.80 50.35 -18.92
CA THR A 201 27.99 49.43 -18.13
C THR A 201 28.25 49.67 -16.65
N LEU A 202 27.19 49.98 -15.91
CA LEU A 202 27.27 50.17 -14.46
C LEU A 202 26.58 48.99 -13.79
N ARG A 203 27.32 48.28 -12.94
CA ARG A 203 26.82 47.09 -12.26
C ARG A 203 26.68 47.39 -10.78
N CYS A 204 25.45 47.27 -10.26
CA CYS A 204 25.14 47.52 -8.87
C CYS A 204 25.17 46.20 -8.11
N TRP A 205 26.04 46.09 -7.12
CA TRP A 205 26.26 44.86 -6.39
C TRP A 205 25.49 44.85 -5.08
N ALA A 206 24.86 43.72 -4.77
CA ALA A 206 24.20 43.47 -3.49
C ALA A 206 24.75 42.17 -2.93
N LEU A 207 25.43 42.24 -1.79
CA LEU A 207 26.15 41.09 -1.26
C LEU A 207 25.84 40.91 0.23
N SER A 208 25.84 39.65 0.65
CA SER A 208 25.75 39.26 2.06
C SER A 208 24.49 39.82 2.71
N PHE A 209 23.34 39.35 2.21
CA PHE A 209 22.05 39.77 2.73
C PHE A 209 21.18 38.54 3.00
N TYR A 210 20.18 38.75 3.86
CA TYR A 210 19.25 37.72 4.27
C TYR A 210 17.97 38.41 4.72
N PRO A 211 16.79 37.91 4.31
CA PRO A 211 16.53 36.74 3.45
C PRO A 211 16.96 36.94 1.99
N ALA A 212 16.70 35.94 1.13
CA ALA A 212 17.16 35.98 -0.24
C ALA A 212 16.40 36.95 -1.13
N GLU A 213 15.15 37.27 -0.78
CA GLU A 213 14.34 38.12 -1.64
C GLU A 213 14.89 39.55 -1.65
N ILE A 214 15.08 40.10 -2.85
CA ILE A 214 15.60 41.45 -3.01
C ILE A 214 15.27 41.89 -4.43
N THR A 215 15.02 43.19 -4.60
CA THR A 215 14.64 43.75 -5.89
C THR A 215 15.61 44.86 -6.26
N LEU A 216 16.24 44.74 -7.42
CA LEU A 216 17.15 45.74 -7.96
C LEU A 216 16.70 46.11 -9.36
N THR A 217 16.34 47.38 -9.56
CA THR A 217 15.86 47.86 -10.84
C THR A 217 16.42 49.24 -11.13
N TRP A 218 16.40 49.61 -12.40
CA TRP A 218 16.81 50.94 -12.86
C TRP A 218 15.61 51.61 -13.50
N GLN A 219 14.62 51.97 -12.68
CA GLN A 219 13.38 52.53 -13.18
C GLN A 219 13.45 54.04 -13.26
N ARG A 220 12.46 54.63 -13.95
CA ARG A 220 12.39 56.07 -14.14
C ARG A 220 12.15 56.79 -12.82
N THR A 229 18.04 46.22 -19.19
CA THR A 229 18.95 45.91 -18.09
C THR A 229 19.33 44.44 -18.12
N GLU A 230 20.10 44.02 -17.12
CA GLU A 230 20.55 42.62 -17.04
C GLU A 230 20.86 42.30 -15.59
N LEU A 231 20.12 41.36 -15.01
CA LEU A 231 20.33 40.91 -13.64
C LEU A 231 20.33 39.39 -13.61
N VAL A 232 21.14 38.83 -12.72
CA VAL A 232 21.29 37.38 -12.61
C VAL A 232 20.48 36.87 -11.41
N GLU A 233 20.48 35.56 -11.22
CA GLU A 233 19.73 34.97 -10.13
C GLU A 233 20.43 35.20 -8.80
N THR A 234 19.63 35.29 -7.74
CA THR A 234 20.17 35.43 -6.38
C THR A 234 20.94 34.16 -6.02
N ARG A 235 22.25 34.28 -5.84
CA ARG A 235 23.10 33.13 -5.61
C ARG A 235 23.55 33.07 -4.15
N PRO A 236 23.80 31.88 -3.63
CA PRO A 236 24.27 31.77 -2.24
C PRO A 236 25.77 32.02 -2.12
N ALA A 237 26.14 32.78 -1.09
CA ALA A 237 27.55 33.04 -0.83
C ALA A 237 28.27 31.86 -0.23
N GLY A 238 27.54 30.95 0.43
CA GLY A 238 28.12 29.79 1.08
C GLY A 238 28.17 29.88 2.59
N ASP A 239 27.84 31.03 3.17
CA ASP A 239 27.87 31.22 4.62
C ASP A 239 26.49 31.54 5.19
N GLY A 240 25.43 31.22 4.44
CA GLY A 240 24.07 31.53 4.84
C GLY A 240 23.50 32.78 4.24
N THR A 241 24.35 33.69 3.76
CA THR A 241 23.90 34.92 3.13
C THR A 241 23.73 34.70 1.63
N PHE A 242 23.40 35.78 0.91
CA PHE A 242 23.10 35.67 -0.51
C PHE A 242 23.74 36.84 -1.25
N GLN A 243 23.82 36.69 -2.58
CA GLN A 243 24.42 37.69 -3.45
C GLN A 243 23.53 37.88 -4.68
N LYS A 244 23.65 39.06 -5.28
CA LYS A 244 22.91 39.42 -6.48
C LYS A 244 23.45 40.74 -7.01
N TRP A 245 23.41 40.90 -8.34
CA TRP A 245 23.80 42.15 -8.96
C TRP A 245 22.94 42.41 -10.18
N ALA A 246 22.78 43.69 -10.51
CA ALA A 246 22.02 44.12 -11.68
C ALA A 246 22.82 45.18 -12.43
N ALA A 247 22.86 45.05 -13.74
CA ALA A 247 23.63 45.95 -14.59
C ALA A 247 22.72 46.61 -15.62
N VAL A 248 23.24 47.67 -16.24
CA VAL A 248 22.52 48.39 -17.27
C VAL A 248 23.54 49.08 -18.17
N VAL A 249 23.22 49.17 -19.46
CA VAL A 249 24.14 49.77 -20.42
C VAL A 249 23.65 51.18 -20.81
N GLN A 256 21.56 59.62 -16.40
CA GLN A 256 21.33 59.45 -14.97
C GLN A 256 19.84 59.48 -14.65
N ARG A 257 19.01 59.22 -15.67
CA ARG A 257 17.56 59.20 -15.49
C ARG A 257 17.09 58.03 -14.63
N TYR A 258 17.95 57.03 -14.40
CA TYR A 258 17.61 55.89 -13.58
C TYR A 258 18.83 55.50 -12.76
N THR A 259 18.66 55.35 -11.46
CA THR A 259 19.72 54.97 -10.55
C THR A 259 19.45 53.58 -9.99
N CYS A 260 20.39 53.10 -9.16
CA CYS A 260 20.26 51.78 -8.55
C CYS A 260 19.33 51.88 -7.35
N HIS A 261 18.15 51.27 -7.47
CA HIS A 261 17.16 51.26 -6.40
C HIS A 261 17.19 49.89 -5.73
N VAL A 262 17.77 49.84 -4.52
CA VAL A 262 17.88 48.62 -3.75
C VAL A 262 16.76 48.59 -2.71
N GLN A 263 16.02 47.50 -2.65
CA GLN A 263 14.93 47.33 -1.70
C GLN A 263 15.08 45.97 -1.05
N HIS A 264 15.15 45.95 0.29
CA HIS A 264 15.35 44.73 1.04
C HIS A 264 14.68 44.88 2.40
N GLU A 265 14.28 43.73 2.97
CA GLU A 265 13.61 43.75 4.28
C GLU A 265 14.54 44.26 5.38
N GLY A 266 15.85 44.08 5.22
CA GLY A 266 16.81 44.57 6.19
C GLY A 266 17.15 46.03 6.09
N LEU A 267 16.46 46.78 5.24
CA LEU A 267 16.68 48.21 5.07
C LEU A 267 15.43 48.96 5.51
N PRO A 268 15.50 49.83 6.51
CA PRO A 268 14.31 50.63 6.86
C PRO A 268 13.83 51.50 5.72
N LYS A 269 14.75 52.12 4.99
CA LYS A 269 14.46 52.86 3.78
C LYS A 269 15.28 52.32 2.62
N PRO A 270 14.74 52.29 1.40
CA PRO A 270 15.50 51.79 0.26
C PRO A 270 16.77 52.59 0.03
N LEU A 271 17.74 51.94 -0.59
CA LEU A 271 19.04 52.54 -0.87
C LEU A 271 19.12 52.96 -2.33
N THR A 272 19.58 54.19 -2.56
CA THR A 272 19.78 54.73 -3.91
C THR A 272 21.23 55.14 -4.04
N LEU A 273 21.93 54.56 -5.00
CA LEU A 273 23.35 54.81 -5.20
C LEU A 273 23.61 55.22 -6.65
N ARG A 274 24.59 56.10 -6.83
CA ARG A 274 25.01 56.57 -8.14
C ARG A 274 26.52 56.58 -8.20
N TRP A 275 27.04 56.51 -9.43
CA TRP A 275 28.47 56.35 -9.63
C TRP A 275 29.22 57.61 -9.21
N GLU A 276 30.25 57.44 -8.40
CA GLU A 276 31.07 58.55 -7.92
C GLU A 276 32.46 58.06 -7.52
N GLU B 1 -26.61 2.29 12.73
CA GLU B 1 -25.78 1.13 12.47
C GLU B 1 -25.58 0.93 10.97
N VAL B 2 -24.32 0.79 10.55
CA VAL B 2 -23.99 0.61 9.15
C VAL B 2 -24.41 -0.80 8.73
N GLN B 3 -25.26 -0.88 7.71
CA GLN B 3 -25.80 -2.16 7.24
C GLN B 3 -25.68 -2.22 5.72
N LEU B 4 -24.95 -3.21 5.23
CA LEU B 4 -24.78 -3.44 3.80
C LEU B 4 -25.59 -4.68 3.42
N GLN B 5 -26.73 -4.47 2.78
CA GLN B 5 -27.61 -5.55 2.35
C GLN B 5 -27.35 -5.85 0.88
N GLN B 6 -26.90 -7.07 0.60
CA GLN B 6 -26.60 -7.49 -0.75
C GLN B 6 -27.77 -8.26 -1.35
N SER B 7 -27.60 -8.68 -2.60
CA SER B 7 -28.62 -9.46 -3.29
C SER B 7 -28.52 -10.94 -2.92
N GLY B 8 -29.49 -11.71 -3.39
CA GLY B 8 -29.51 -13.13 -3.12
C GLY B 8 -28.66 -13.91 -4.08
N PRO B 9 -28.56 -15.22 -3.83
CA PRO B 9 -27.74 -16.08 -4.69
C PRO B 9 -28.32 -16.16 -6.09
N GLU B 10 -27.46 -16.59 -7.03
CA GLU B 10 -27.85 -16.67 -8.43
C GLU B 10 -27.14 -17.84 -9.10
N LEU B 11 -27.92 -18.68 -9.76
CA LEU B 11 -27.40 -19.77 -10.59
C LEU B 11 -27.64 -19.40 -12.05
N VAL B 12 -26.55 -19.22 -12.79
CA VAL B 12 -26.63 -18.80 -14.19
C VAL B 12 -25.86 -19.78 -15.07
N LYS B 13 -26.11 -19.70 -16.36
CA LYS B 13 -25.43 -20.49 -17.37
C LYS B 13 -24.19 -19.75 -17.87
N PRO B 14 -23.22 -20.46 -18.42
CA PRO B 14 -22.02 -19.79 -18.94
C PRO B 14 -22.37 -18.80 -20.05
N GLY B 15 -21.53 -17.77 -20.18
CA GLY B 15 -21.74 -16.75 -21.19
C GLY B 15 -22.78 -15.70 -20.85
N ALA B 16 -23.39 -15.78 -19.67
CA ALA B 16 -24.42 -14.84 -19.26
C ALA B 16 -23.80 -13.74 -18.40
N SER B 17 -24.65 -12.79 -17.98
CA SER B 17 -24.23 -11.68 -17.14
C SER B 17 -25.17 -11.55 -15.96
N VAL B 18 -24.60 -11.29 -14.78
CA VAL B 18 -25.38 -11.11 -13.57
C VAL B 18 -25.01 -9.76 -12.97
N LYS B 19 -25.94 -9.21 -12.18
CA LYS B 19 -25.76 -7.90 -11.55
C LYS B 19 -26.11 -8.02 -10.08
N ILE B 20 -25.13 -7.74 -9.22
CA ILE B 20 -25.32 -7.81 -7.77
C ILE B 20 -25.54 -6.39 -7.24
N SER B 21 -26.51 -6.25 -6.34
CA SER B 21 -26.79 -4.97 -5.69
C SER B 21 -26.28 -4.99 -4.25
N CYS B 22 -25.95 -3.80 -3.75
CA CYS B 22 -25.43 -3.64 -2.39
C CYS B 22 -26.08 -2.40 -1.79
N LYS B 23 -27.01 -2.60 -0.86
CA LYS B 23 -27.76 -1.50 -0.27
C LYS B 23 -27.05 -1.01 0.98
N ALA B 24 -26.73 0.28 1.02
CA ALA B 24 -26.03 0.88 2.14
C ALA B 24 -27.00 1.70 3.00
N SER B 25 -26.83 1.63 4.31
CA SER B 25 -27.66 2.38 5.24
C SER B 25 -26.89 2.56 6.54
N GLY B 26 -27.34 3.54 7.33
CA GLY B 26 -26.75 3.81 8.62
C GLY B 26 -25.59 4.79 8.63
N TYR B 27 -25.25 5.37 7.48
CA TYR B 27 -24.14 6.32 7.41
C TYR B 27 -24.30 7.16 6.16
N THR B 28 -23.42 8.13 5.99
CA THR B 28 -23.44 9.02 4.83
C THR B 28 -22.82 8.29 3.65
N PHE B 29 -23.64 7.97 2.65
CA PHE B 29 -23.19 7.11 1.55
C PHE B 29 -22.06 7.75 0.76
N THR B 30 -22.11 9.06 0.57
CA THR B 30 -21.11 9.76 -0.25
C THR B 30 -19.83 10.05 0.50
N ASP B 31 -19.70 9.63 1.76
CA ASP B 31 -18.49 9.87 2.53
C ASP B 31 -17.50 8.72 2.48
N HIS B 32 -17.87 7.59 1.88
CA HIS B 32 -17.02 6.41 1.88
C HIS B 32 -17.03 5.76 0.51
N PHE B 33 -15.85 5.35 0.05
CA PHE B 33 -15.74 4.56 -1.17
C PHE B 33 -16.25 3.15 -0.92
N MET B 34 -16.84 2.55 -1.95
CA MET B 34 -17.39 1.21 -1.88
C MET B 34 -16.54 0.26 -2.73
N ASN B 35 -16.08 -0.82 -2.11
CA ASN B 35 -15.22 -1.80 -2.76
C ASN B 35 -15.99 -3.09 -2.99
N TRP B 36 -15.41 -3.96 -3.82
CA TRP B 36 -15.99 -5.26 -4.12
C TRP B 36 -14.91 -6.33 -4.08
N VAL B 37 -15.19 -7.42 -3.38
CA VAL B 37 -14.22 -8.49 -3.14
C VAL B 37 -14.86 -9.81 -3.49
N ARG B 38 -14.09 -10.69 -4.14
CA ARG B 38 -14.53 -12.03 -4.51
C ARG B 38 -13.72 -13.06 -3.73
N GLN B 39 -14.41 -14.13 -3.31
CA GLN B 39 -13.77 -15.22 -2.57
C GLN B 39 -14.27 -16.54 -3.15
N SER B 40 -13.36 -17.31 -3.74
CA SER B 40 -13.72 -18.61 -4.29
C SER B 40 -13.74 -19.66 -3.18
N HIS B 41 -14.32 -20.82 -3.51
CA HIS B 41 -14.46 -21.89 -2.53
C HIS B 41 -13.09 -22.40 -2.10
N GLY B 42 -12.83 -22.40 -0.80
CA GLY B 42 -11.54 -22.82 -0.29
C GLY B 42 -10.40 -21.89 -0.64
N LYS B 43 -10.70 -20.67 -1.06
CA LYS B 43 -9.69 -19.70 -1.49
C LYS B 43 -9.81 -18.44 -0.64
N SER B 44 -8.80 -17.57 -0.79
CA SER B 44 -8.75 -16.34 -0.02
C SER B 44 -9.51 -15.23 -0.77
N LEU B 45 -9.25 -13.98 -0.40
CA LEU B 45 -9.99 -12.84 -0.94
C LEU B 45 -9.20 -12.16 -2.04
N GLU B 46 -9.92 -11.53 -2.97
CA GLU B 46 -9.31 -10.80 -4.07
C GLU B 46 -10.09 -9.51 -4.28
N TRP B 47 -9.38 -8.38 -4.24
CA TRP B 47 -10.00 -7.09 -4.48
C TRP B 47 -10.31 -6.92 -5.96
N ILE B 48 -11.58 -6.65 -6.26
CA ILE B 48 -12.01 -6.47 -7.65
C ILE B 48 -11.83 -5.01 -8.04
N GLY B 49 -12.45 -4.11 -7.28
CA GLY B 49 -12.35 -2.69 -7.58
C GLY B 49 -13.15 -1.89 -6.58
N ASP B 50 -13.06 -0.57 -6.73
CA ASP B 50 -13.79 0.36 -5.89
C ASP B 50 -14.52 1.36 -6.78
N ILE B 51 -15.38 2.17 -6.15
CA ILE B 51 -16.14 3.18 -6.88
C ILE B 51 -16.39 4.36 -5.95
N ASN B 52 -16.18 5.56 -6.48
CA ASN B 52 -16.49 6.80 -5.76
C ASN B 52 -17.99 7.09 -5.88
N PRO B 53 -18.73 7.04 -4.77
CA PRO B 53 -20.19 7.20 -4.86
C PRO B 53 -20.64 8.60 -5.20
N ASN B 54 -19.74 9.58 -5.25
CA ASN B 54 -20.11 10.96 -5.55
C ASN B 54 -20.18 11.20 -7.05
N ASN B 55 -19.16 10.77 -7.80
CA ASN B 55 -19.09 10.99 -9.23
C ASN B 55 -19.04 9.70 -10.05
N GLY B 56 -19.16 8.55 -9.41
CA GLY B 56 -19.11 7.29 -10.14
C GLY B 56 -17.74 6.88 -10.62
N GLY B 57 -16.68 7.60 -10.21
CA GLY B 57 -15.34 7.21 -10.62
C GLY B 57 -14.97 5.85 -10.05
N THR B 58 -14.29 5.05 -10.87
CA THR B 58 -13.96 3.68 -10.52
C THR B 58 -12.48 3.41 -10.74
N SER B 59 -11.98 2.40 -10.01
CA SER B 59 -10.69 1.80 -10.28
C SER B 59 -10.87 0.29 -10.18
N TYR B 60 -10.10 -0.44 -10.99
CA TYR B 60 -10.27 -1.88 -11.10
C TYR B 60 -8.94 -2.60 -10.93
N ASN B 61 -9.01 -3.81 -10.39
CA ASN B 61 -7.90 -4.73 -10.47
C ASN B 61 -7.67 -5.11 -11.93
N GLN B 62 -6.41 -5.27 -12.32
CA GLN B 62 -6.08 -5.51 -13.73
C GLN B 62 -6.74 -6.78 -14.25
N LYS B 63 -6.93 -7.78 -13.39
CA LYS B 63 -7.53 -9.03 -13.83
C LYS B 63 -9.01 -8.86 -14.20
N PHE B 64 -9.71 -7.94 -13.54
CA PHE B 64 -11.14 -7.78 -13.74
C PHE B 64 -11.48 -6.65 -14.71
N LYS B 65 -10.50 -6.12 -15.42
CA LYS B 65 -10.73 -5.12 -16.45
C LYS B 65 -11.41 -5.79 -17.64
N GLY B 66 -12.74 -5.69 -17.69
CA GLY B 66 -13.52 -6.35 -18.73
C GLY B 66 -14.36 -7.51 -18.24
N LYS B 67 -14.27 -7.87 -16.96
CA LYS B 67 -15.11 -8.90 -16.36
C LYS B 67 -16.18 -8.34 -15.46
N ALA B 68 -15.85 -7.34 -14.63
CA ALA B 68 -16.80 -6.72 -13.72
C ALA B 68 -16.83 -5.22 -13.96
N THR B 69 -18.01 -4.62 -13.77
CA THR B 69 -18.21 -3.19 -13.93
C THR B 69 -18.98 -2.66 -12.73
N LEU B 70 -18.49 -1.56 -12.15
CA LEU B 70 -19.06 -1.00 -10.94
C LEU B 70 -19.88 0.25 -11.25
N THR B 71 -21.07 0.33 -10.66
CA THR B 71 -21.91 1.51 -10.76
C THR B 71 -22.51 1.80 -9.38
N VAL B 72 -23.02 3.01 -9.21
CA VAL B 72 -23.67 3.43 -7.98
C VAL B 72 -24.91 4.25 -8.31
N ASP B 73 -25.75 4.43 -7.30
CA ASP B 73 -26.94 5.28 -7.41
C ASP B 73 -27.09 6.03 -6.08
N LYS B 74 -26.74 7.31 -6.08
CA LYS B 74 -26.78 8.11 -4.86
C LYS B 74 -28.20 8.25 -4.31
N SER B 75 -29.22 8.06 -5.15
CA SER B 75 -30.59 8.19 -4.68
CA SER B 75 -30.59 8.19 -4.68
C SER B 75 -30.93 7.10 -3.67
N SER B 76 -30.85 5.83 -4.10
CA SER B 76 -31.16 4.70 -3.24
C SER B 76 -29.98 4.25 -2.39
N SER B 77 -28.83 4.92 -2.50
CA SER B 77 -27.62 4.55 -1.77
C SER B 77 -27.26 3.09 -2.02
N THR B 78 -27.23 2.71 -3.30
CA THR B 78 -26.99 1.34 -3.70
C THR B 78 -25.80 1.29 -4.66
N ALA B 79 -24.91 0.33 -4.43
CA ALA B 79 -23.78 0.07 -5.29
C ALA B 79 -24.00 -1.23 -6.06
N PHE B 80 -23.70 -1.20 -7.35
CA PHE B 80 -23.94 -2.35 -8.23
C PHE B 80 -22.63 -2.85 -8.82
N MET B 81 -22.58 -4.15 -9.07
CA MET B 81 -21.48 -4.77 -9.81
C MET B 81 -22.07 -5.74 -10.81
N GLU B 82 -21.77 -5.54 -12.09
CA GLU B 82 -22.21 -6.42 -13.16
C GLU B 82 -21.02 -7.25 -13.63
N VAL B 83 -21.17 -8.58 -13.60
CA VAL B 83 -20.15 -9.51 -14.05
C VAL B 83 -20.61 -10.10 -15.37
N ARG B 84 -19.86 -9.85 -16.44
CA ARG B 84 -20.22 -10.29 -17.78
C ARG B 84 -19.37 -11.47 -18.21
N SER B 85 -19.86 -12.18 -19.23
CA SER B 85 -19.17 -13.31 -19.83
C SER B 85 -18.77 -14.34 -18.77
N LEU B 86 -19.79 -14.79 -18.03
CA LEU B 86 -19.54 -15.64 -16.88
C LEU B 86 -19.12 -17.04 -17.31
N THR B 87 -18.09 -17.56 -16.62
CA THR B 87 -17.60 -18.91 -16.80
C THR B 87 -17.65 -19.64 -15.45
N SER B 88 -17.29 -20.92 -15.47
CA SER B 88 -17.30 -21.72 -14.25
C SER B 88 -16.31 -21.19 -13.22
N ASP B 89 -15.25 -20.51 -13.69
CA ASP B 89 -14.26 -19.93 -12.78
C ASP B 89 -14.76 -18.67 -12.09
N ASP B 90 -15.86 -18.09 -12.54
CA ASP B 90 -16.44 -16.91 -11.90
C ASP B 90 -17.35 -17.27 -10.73
N SER B 91 -17.61 -18.56 -10.50
CA SER B 91 -18.48 -18.99 -9.41
C SER B 91 -17.76 -18.83 -8.09
N ALA B 92 -18.25 -17.91 -7.25
CA ALA B 92 -17.63 -17.62 -5.96
C ALA B 92 -18.63 -16.83 -5.12
N VAL B 93 -18.17 -16.33 -3.98
CA VAL B 93 -18.94 -15.45 -3.12
C VAL B 93 -18.42 -14.03 -3.30
N TYR B 94 -19.32 -13.09 -3.53
CA TYR B 94 -18.96 -11.70 -3.78
C TYR B 94 -19.46 -10.82 -2.63
N TYR B 95 -18.56 -9.97 -2.14
CA TYR B 95 -18.87 -9.05 -1.05
C TYR B 95 -18.71 -7.61 -1.51
N CYS B 96 -19.43 -6.70 -0.85
CA CYS B 96 -19.20 -5.27 -0.97
C CYS B 96 -18.71 -4.76 0.37
N ALA B 97 -17.47 -4.26 0.39
CA ALA B 97 -16.82 -3.81 1.61
C ALA B 97 -16.63 -2.30 1.55
N ARG B 98 -17.18 -1.60 2.55
CA ARG B 98 -17.02 -0.16 2.62
C ARG B 98 -15.59 0.20 3.00
N ARG B 99 -15.05 1.23 2.34
CA ARG B 99 -13.74 1.73 2.68
C ARG B 99 -13.85 2.69 3.86
N GLY B 100 -13.00 2.50 4.87
CA GLY B 100 -12.92 3.45 5.95
C GLY B 100 -12.52 4.83 5.47
N TYR B 101 -12.83 5.84 6.29
CA TYR B 101 -12.56 7.21 5.89
C TYR B 101 -11.09 7.43 5.61
N TYR B 102 -10.21 6.78 6.37
CA TYR B 102 -8.77 6.89 6.16
C TYR B 102 -8.14 5.57 5.75
N GLY B 103 -8.93 4.54 5.45
CA GLY B 103 -8.39 3.27 5.00
C GLY B 103 -9.12 2.05 5.51
N SER B 104 -8.69 0.87 5.04
CA SER B 104 -9.22 -0.43 5.45
C SER B 104 -10.67 -0.64 4.99
N PHE B 105 -11.16 -1.87 5.14
CA PHE B 105 -12.55 -2.23 4.82
C PHE B 105 -13.26 -2.42 6.16
N ASP B 106 -13.93 -1.37 6.63
CA ASP B 106 -14.48 -1.36 7.98
C ASP B 106 -15.79 -2.12 8.11
N TYR B 107 -16.54 -2.28 7.02
CA TYR B 107 -17.82 -2.97 7.07
C TYR B 107 -18.02 -3.78 5.80
N TRP B 108 -18.59 -4.97 5.94
CA TRP B 108 -18.80 -5.90 4.85
C TRP B 108 -20.26 -6.30 4.76
N GLY B 109 -20.71 -6.60 3.55
CA GLY B 109 -22.02 -7.17 3.36
C GLY B 109 -22.04 -8.65 3.71
N GLN B 110 -23.24 -9.22 3.73
CA GLN B 110 -23.38 -10.62 4.09
C GLN B 110 -22.85 -11.56 3.00
N GLY B 111 -22.68 -11.06 1.78
CA GLY B 111 -22.18 -11.87 0.69
C GLY B 111 -23.28 -12.27 -0.29
N THR B 112 -22.86 -12.57 -1.51
CA THR B 112 -23.77 -13.02 -2.56
C THR B 112 -23.09 -14.17 -3.30
N THR B 113 -23.67 -15.37 -3.19
CA THR B 113 -23.10 -16.55 -3.82
C THR B 113 -23.51 -16.62 -5.28
N LEU B 114 -22.53 -16.77 -6.17
CA LEU B 114 -22.77 -16.90 -7.60
C LEU B 114 -22.33 -18.28 -8.06
N THR B 115 -23.17 -18.92 -8.86
CA THR B 115 -22.87 -20.24 -9.40
C THR B 115 -23.10 -20.22 -10.90
N VAL B 116 -22.08 -20.62 -11.65
CA VAL B 116 -22.13 -20.65 -13.11
C VAL B 116 -21.99 -22.11 -13.54
N SER B 117 -23.07 -22.68 -14.05
CA SER B 117 -23.07 -24.07 -14.48
C SER B 117 -24.10 -24.26 -15.58
N SER B 118 -23.86 -25.28 -16.41
CA SER B 118 -24.81 -25.60 -17.49
C SER B 118 -26.01 -26.39 -16.99
N ALA B 119 -25.91 -27.00 -15.81
CA ALA B 119 -27.02 -27.79 -15.28
C ALA B 119 -28.12 -26.88 -14.75
N SER B 120 -29.34 -27.42 -14.73
CA SER B 120 -30.51 -26.69 -14.25
C SER B 120 -30.95 -27.16 -12.87
N THR B 121 -31.36 -28.43 -12.76
CA THR B 121 -31.82 -28.99 -11.50
C THR B 121 -31.85 -30.52 -11.62
N LYS B 122 -31.27 -31.20 -10.65
CA LYS B 122 -31.22 -32.65 -10.61
C LYS B 122 -32.02 -33.14 -9.40
N GLY B 123 -31.99 -34.46 -9.19
CA GLY B 123 -32.71 -35.07 -8.09
C GLY B 123 -31.83 -36.04 -7.31
N PRO B 124 -31.96 -36.01 -5.98
CA PRO B 124 -31.12 -36.87 -5.13
C PRO B 124 -31.40 -38.35 -5.37
N SER B 125 -30.50 -39.18 -4.85
CA SER B 125 -30.59 -40.64 -4.97
C SER B 125 -30.05 -41.23 -3.66
N VAL B 126 -30.96 -41.45 -2.70
CA VAL B 126 -30.57 -41.94 -1.38
C VAL B 126 -30.18 -43.41 -1.49
N PHE B 127 -28.96 -43.73 -1.06
CA PHE B 127 -28.47 -45.10 -0.98
C PHE B 127 -28.12 -45.42 0.47
N PRO B 128 -29.02 -46.05 1.22
CA PRO B 128 -28.75 -46.30 2.64
C PRO B 128 -27.63 -47.32 2.83
N LEU B 129 -27.02 -47.27 4.01
CA LEU B 129 -25.96 -48.18 4.39
C LEU B 129 -26.20 -48.67 5.81
N ALA B 130 -25.88 -49.94 6.06
CA ALA B 130 -26.05 -50.54 7.38
C ALA B 130 -25.21 -51.81 7.49
N PRO B 131 -24.18 -51.81 8.36
CA PRO B 131 -23.30 -52.97 8.53
C PRO B 131 -23.99 -54.12 9.27
N ALA B 142 -22.98 -47.97 13.03
CA ALA B 142 -23.48 -46.70 12.52
C ALA B 142 -24.20 -46.89 11.19
N LEU B 143 -25.28 -46.14 10.99
CA LEU B 143 -26.07 -46.23 9.77
C LEU B 143 -25.53 -45.24 8.74
N GLY B 144 -26.30 -44.96 7.70
CA GLY B 144 -25.88 -44.03 6.67
C GLY B 144 -26.96 -43.68 5.66
N CYS B 145 -26.94 -42.44 5.18
CA CYS B 145 -27.92 -41.94 4.21
C CYS B 145 -27.14 -41.16 3.14
N LEU B 146 -26.67 -41.87 2.12
CA LEU B 146 -25.81 -41.30 1.09
C LEU B 146 -26.68 -40.69 -0.01
N VAL B 147 -26.62 -39.36 -0.14
CA VAL B 147 -27.26 -38.64 -1.23
C VAL B 147 -26.28 -38.54 -2.38
N LYS B 148 -26.75 -38.76 -3.60
CA LYS B 148 -25.88 -38.81 -4.76
C LYS B 148 -26.53 -38.14 -5.96
N ASP B 149 -25.73 -37.34 -6.68
CA ASP B 149 -26.12 -36.75 -7.96
C ASP B 149 -27.33 -35.83 -7.81
N TYR B 150 -27.10 -34.70 -7.15
CA TYR B 150 -28.12 -33.67 -7.01
C TYR B 150 -27.52 -32.32 -7.42
N PHE B 151 -28.42 -31.37 -7.71
CA PHE B 151 -28.04 -30.03 -8.12
C PHE B 151 -29.25 -29.11 -8.07
N PRO B 152 -29.12 -27.89 -7.53
CA PRO B 152 -27.92 -27.30 -6.93
C PRO B 152 -27.87 -27.44 -5.42
N GLU B 153 -27.00 -26.68 -4.76
CA GLU B 153 -26.97 -26.64 -3.31
C GLU B 153 -28.23 -25.96 -2.79
N PRO B 154 -28.68 -26.31 -1.58
CA PRO B 154 -28.18 -27.34 -0.67
C PRO B 154 -29.14 -28.51 -0.48
N VAL B 155 -28.80 -29.41 0.45
CA VAL B 155 -29.67 -30.54 0.81
CA VAL B 155 -29.67 -30.54 0.81
C VAL B 155 -29.61 -30.69 2.32
N THR B 156 -30.78 -30.60 2.97
CA THR B 156 -30.87 -30.75 4.42
C THR B 156 -31.11 -32.22 4.74
N VAL B 157 -30.22 -32.80 5.55
CA VAL B 157 -30.28 -34.22 5.89
C VAL B 157 -30.42 -34.34 7.39
N SER B 158 -31.61 -34.71 7.84
CA SER B 158 -31.89 -34.97 9.25
C SER B 158 -32.14 -36.46 9.47
N TRP B 159 -32.16 -36.84 10.74
CA TRP B 159 -32.34 -38.23 11.13
C TRP B 159 -33.38 -38.32 12.25
N ASN B 160 -34.34 -39.24 12.08
CA ASN B 160 -35.43 -39.45 13.04
C ASN B 160 -36.21 -38.16 13.30
N SER B 161 -36.32 -37.31 12.28
CA SER B 161 -37.02 -36.03 12.38
C SER B 161 -36.42 -35.14 13.46
N GLY B 162 -35.15 -35.36 13.79
CA GLY B 162 -34.46 -34.63 14.83
C GLY B 162 -34.34 -35.35 16.16
N ALA B 163 -34.87 -36.57 16.26
CA ALA B 163 -34.82 -37.33 17.50
C ALA B 163 -33.52 -38.10 17.68
N LEU B 164 -32.52 -37.86 16.83
CA LEU B 164 -31.22 -38.52 16.95
C LEU B 164 -30.17 -37.56 16.36
N THR B 165 -29.66 -36.67 17.21
CA THR B 165 -28.67 -35.68 16.81
C THR B 165 -27.33 -35.88 17.48
N SER B 166 -27.16 -36.92 18.30
CA SER B 166 -25.89 -37.20 18.96
C SER B 166 -25.05 -38.05 18.02
N GLY B 167 -23.96 -37.48 17.52
CA GLY B 167 -23.12 -38.15 16.55
C GLY B 167 -23.53 -37.99 15.12
N VAL B 168 -24.37 -37.00 14.80
CA VAL B 168 -24.83 -36.78 13.44
C VAL B 168 -23.75 -36.07 12.64
N HIS B 169 -22.90 -36.85 11.97
CA HIS B 169 -21.83 -36.30 11.15
C HIS B 169 -22.33 -36.21 9.72
N THR B 170 -22.85 -35.03 9.36
CA THR B 170 -23.31 -34.76 8.00
C THR B 170 -22.18 -34.10 7.24
N PHE B 171 -21.53 -34.87 6.36
CA PHE B 171 -20.36 -34.38 5.65
C PHE B 171 -20.75 -33.31 4.64
N PRO B 172 -19.89 -32.33 4.41
CA PRO B 172 -20.19 -31.31 3.40
C PRO B 172 -20.18 -31.91 2.00
N ALA B 173 -20.97 -31.31 1.12
CA ALA B 173 -21.12 -31.82 -0.24
C ALA B 173 -19.84 -31.67 -1.04
N VAL B 174 -19.62 -32.60 -1.96
CA VAL B 174 -18.48 -32.58 -2.87
C VAL B 174 -19.00 -32.53 -4.29
N LEU B 175 -18.38 -31.69 -5.12
CA LEU B 175 -18.77 -31.57 -6.51
C LEU B 175 -18.09 -32.68 -7.31
N GLN B 176 -18.88 -33.47 -8.04
CA GLN B 176 -18.39 -34.60 -8.78
C GLN B 176 -17.95 -34.17 -10.18
N SER B 177 -17.30 -35.11 -10.89
CA SER B 177 -16.83 -34.82 -12.24
C SER B 177 -17.99 -34.57 -13.20
N SER B 178 -19.17 -35.11 -12.89
CA SER B 178 -20.35 -34.89 -13.71
C SER B 178 -20.96 -33.51 -13.53
N GLY B 179 -20.48 -32.73 -12.57
CA GLY B 179 -21.06 -31.44 -12.26
C GLY B 179 -22.16 -31.46 -11.23
N LEU B 180 -22.35 -32.59 -10.54
CA LEU B 180 -23.38 -32.73 -9.53
C LEU B 180 -22.74 -32.90 -8.16
N TYR B 181 -23.51 -32.57 -7.12
CA TYR B 181 -23.04 -32.68 -5.75
C TYR B 181 -23.43 -34.02 -5.14
N SER B 182 -22.80 -34.34 -4.02
CA SER B 182 -23.08 -35.59 -3.32
CA SER B 182 -23.09 -35.60 -3.31
C SER B 182 -22.61 -35.46 -1.88
N LEU B 183 -23.53 -35.61 -0.93
CA LEU B 183 -23.21 -35.57 0.49
C LEU B 183 -23.60 -36.90 1.13
N SER B 184 -23.22 -37.06 2.39
CA SER B 184 -23.50 -38.30 3.12
C SER B 184 -23.72 -37.95 4.59
N SER B 185 -24.89 -38.31 5.11
CA SER B 185 -25.24 -38.07 6.51
C SER B 185 -25.10 -39.39 7.27
N VAL B 186 -24.30 -39.38 8.33
CA VAL B 186 -24.01 -40.58 9.11
C VAL B 186 -24.20 -40.25 10.59
N VAL B 187 -24.96 -41.09 11.28
CA VAL B 187 -25.16 -40.99 12.73
C VAL B 187 -24.74 -42.31 13.35
N THR B 188 -24.11 -42.23 14.52
CA THR B 188 -23.59 -43.41 15.21
C THR B 188 -24.62 -43.93 16.22
N VAL B 189 -24.71 -45.25 16.31
CA VAL B 189 -25.62 -45.91 17.23
C VAL B 189 -24.82 -46.88 18.10
N PRO B 190 -25.26 -47.18 19.33
CA PRO B 190 -24.47 -48.07 20.21
C PRO B 190 -24.45 -49.51 19.73
N SER B 191 -23.69 -50.35 20.43
CA SER B 191 -23.63 -51.77 20.07
C SER B 191 -24.91 -52.50 20.45
N SER B 192 -25.57 -52.08 21.52
CA SER B 192 -26.87 -52.65 21.91
C SER B 192 -28.01 -51.96 21.17
N SER B 193 -27.88 -51.83 19.85
CA SER B 193 -28.86 -51.15 19.03
C SER B 193 -29.32 -52.00 17.86
N LEU B 194 -29.23 -53.33 17.97
CA LEU B 194 -29.72 -54.20 16.92
C LEU B 194 -31.23 -54.09 16.75
N GLY B 195 -31.94 -53.66 17.79
CA GLY B 195 -33.37 -53.44 17.70
C GLY B 195 -33.80 -52.11 18.30
N THR B 196 -33.42 -51.02 17.64
CA THR B 196 -33.76 -49.68 18.11
C THR B 196 -34.67 -48.96 17.12
N ILE B 200 -35.18 -42.56 10.70
CA ILE B 200 -35.41 -42.43 9.27
C ILE B 200 -34.71 -41.18 8.73
N CYS B 201 -34.08 -41.32 7.56
CA CYS B 201 -33.42 -40.19 6.93
C CYS B 201 -34.46 -39.14 6.52
N ASN B 202 -34.03 -37.88 6.52
CA ASN B 202 -34.92 -36.75 6.23
C ASN B 202 -34.23 -35.81 5.23
N VAL B 203 -33.85 -36.36 4.08
CA VAL B 203 -33.25 -35.54 3.03
C VAL B 203 -34.30 -34.62 2.43
N ASN B 204 -33.89 -33.39 2.10
CA ASN B 204 -34.79 -32.42 1.52
C ASN B 204 -34.06 -31.58 0.49
N HIS B 205 -34.71 -31.36 -0.64
CA HIS B 205 -34.14 -30.57 -1.73
C HIS B 205 -35.24 -29.71 -2.31
N LYS B 206 -35.06 -28.38 -2.22
CA LYS B 206 -36.12 -27.47 -2.67
C LYS B 206 -36.45 -27.59 -4.15
N PRO B 207 -35.48 -27.56 -5.09
CA PRO B 207 -35.86 -27.69 -6.50
C PRO B 207 -36.29 -29.09 -6.89
N SER B 208 -35.90 -30.12 -6.13
CA SER B 208 -36.25 -31.49 -6.47
C SER B 208 -37.67 -31.85 -6.04
N ASN B 209 -38.25 -31.12 -5.10
CA ASN B 209 -39.60 -31.39 -4.59
C ASN B 209 -39.72 -32.81 -4.03
N THR B 210 -38.64 -33.34 -3.50
CA THR B 210 -38.60 -34.71 -3.00
C THR B 210 -38.01 -34.73 -1.59
N LYS B 211 -38.67 -35.46 -0.69
CA LYS B 211 -38.19 -35.69 0.67
C LYS B 211 -38.06 -37.20 0.84
N VAL B 212 -36.91 -37.73 0.45
CA VAL B 212 -36.68 -39.17 0.41
C VAL B 212 -36.40 -39.64 1.84
N ASP B 213 -37.41 -40.20 2.49
CA ASP B 213 -37.26 -40.80 3.81
C ASP B 213 -37.17 -42.31 3.66
N LYS B 214 -36.09 -42.90 4.19
CA LYS B 214 -35.89 -44.34 4.10
C LYS B 214 -35.49 -44.93 5.45
N ARG B 215 -35.00 -46.16 5.44
CA ARG B 215 -34.56 -46.84 6.65
C ARG B 215 -33.26 -47.58 6.36
N VAL B 216 -32.60 -48.01 7.42
CA VAL B 216 -31.33 -48.72 7.34
C VAL B 216 -31.45 -50.01 8.13
N GLU B 217 -31.35 -51.15 7.43
CA GLU B 217 -31.38 -52.45 8.06
C GLU B 217 -30.53 -53.40 7.23
N PRO B 218 -29.64 -54.18 7.87
CA PRO B 218 -28.76 -55.11 7.15
C PRO B 218 -29.51 -56.32 6.60
N GLU C 1 2.78 -5.45 -7.77
CA GLU C 1 1.78 -5.94 -6.83
C GLU C 1 2.42 -6.48 -5.56
N ILE C 2 2.08 -5.87 -4.43
CA ILE C 2 2.62 -6.30 -3.15
C ILE C 2 1.92 -7.59 -2.74
N VAL C 3 2.71 -8.64 -2.52
CA VAL C 3 2.20 -9.96 -2.15
C VAL C 3 2.29 -10.12 -0.65
N MET C 4 1.20 -10.57 -0.03
CA MET C 4 1.14 -10.81 1.40
C MET C 4 1.16 -12.31 1.66
N THR C 5 2.09 -12.75 2.50
CA THR C 5 2.26 -14.16 2.82
C THR C 5 2.09 -14.36 4.32
N GLN C 6 1.21 -15.28 4.71
CA GLN C 6 0.94 -15.57 6.10
C GLN C 6 1.58 -16.90 6.49
N SER C 7 1.94 -17.01 7.77
CA SER C 7 2.60 -18.19 8.28
C SER C 7 2.19 -18.43 9.72
N PRO C 8 1.80 -19.67 10.08
CA PRO C 8 1.67 -20.84 9.21
C PRO C 8 0.31 -20.91 8.55
N ALA C 9 0.02 -21.97 7.80
CA ALA C 9 -1.30 -22.12 7.19
C ALA C 9 -2.34 -22.46 8.25
N THR C 10 -2.05 -23.43 9.11
CA THR C 10 -2.92 -23.81 10.21
C THR C 10 -2.14 -23.74 11.52
N LEU C 11 -2.81 -23.32 12.58
CA LEU C 11 -2.19 -23.15 13.90
C LEU C 11 -3.09 -23.80 14.94
N SER C 12 -2.59 -24.86 15.58
CA SER C 12 -3.35 -25.61 16.59
C SER C 12 -2.96 -25.11 17.98
N LEU C 13 -3.92 -24.51 18.68
CA LEU C 13 -3.71 -24.01 20.03
C LEU C 13 -4.91 -24.35 20.89
N SER C 14 -4.77 -24.10 22.19
CA SER C 14 -5.80 -24.43 23.17
C SER C 14 -6.48 -23.16 23.68
N PRO C 15 -7.74 -23.27 24.12
CA PRO C 15 -8.44 -22.08 24.65
C PRO C 15 -7.75 -21.53 25.88
N GLY C 16 -7.35 -20.26 25.81
CA GLY C 16 -6.67 -19.60 26.91
C GLY C 16 -5.23 -19.25 26.65
N GLU C 17 -4.67 -19.62 25.51
CA GLU C 17 -3.28 -19.34 25.18
C GLU C 17 -3.19 -18.11 24.29
N ARG C 18 -1.97 -17.62 24.12
CA ARG C 18 -1.72 -16.53 23.18
C ARG C 18 -1.59 -17.08 21.76
N ALA C 19 -1.84 -16.21 20.79
CA ALA C 19 -1.74 -16.56 19.39
C ALA C 19 -1.02 -15.43 18.66
N THR C 20 0.11 -15.74 18.04
CA THR C 20 0.90 -14.77 17.29
C THR C 20 0.87 -15.18 15.82
N LEU C 21 0.22 -14.38 14.98
CA LEU C 21 0.11 -14.63 13.56
C LEU C 21 0.98 -13.65 12.80
N SER C 22 1.66 -14.15 11.76
CA SER C 22 2.60 -13.35 10.99
C SER C 22 2.08 -13.13 9.57
N CYS C 23 2.43 -11.98 9.00
CA CYS C 23 2.07 -11.61 7.64
C CYS C 23 3.25 -10.88 7.02
N ARG C 24 3.93 -11.55 6.09
CA ARG C 24 5.10 -10.97 5.42
C ARG C 24 4.68 -10.34 4.10
N ALA C 25 5.06 -9.08 3.90
CA ALA C 25 4.77 -8.36 2.67
C ALA C 25 6.00 -8.37 1.77
N SER C 26 5.78 -8.62 0.48
CA SER C 26 6.88 -8.67 -0.46
C SER C 26 7.51 -7.31 -0.69
N GLN C 27 6.84 -6.23 -0.28
CA GLN C 27 7.35 -4.88 -0.46
C GLN C 27 7.00 -4.06 0.76
N GLY C 28 7.74 -2.97 0.96
CA GLY C 28 7.52 -2.12 2.12
C GLY C 28 6.16 -1.45 2.06
N VAL C 29 5.38 -1.59 3.13
CA VAL C 29 4.03 -1.07 3.21
C VAL C 29 3.93 -0.14 4.41
N SER C 30 3.29 1.01 4.22
CA SER C 30 3.00 1.91 5.33
C SER C 30 2.07 1.22 6.32
N SER C 31 2.42 1.27 7.60
CA SER C 31 1.58 0.65 8.63
C SER C 31 0.18 1.24 8.68
N SER C 32 0.00 2.44 8.12
CA SER C 32 -1.33 3.07 8.08
C SER C 32 -2.25 2.43 7.06
N TYR C 33 -1.76 1.52 6.23
CA TYR C 33 -2.55 0.87 5.19
C TYR C 33 -2.34 -0.64 5.24
N PHE C 34 -2.32 -1.19 6.46
CA PHE C 34 -2.27 -2.63 6.69
C PHE C 34 -3.41 -2.97 7.66
N SER C 35 -4.08 -4.09 7.42
CA SER C 35 -5.25 -4.44 8.20
C SER C 35 -5.34 -5.94 8.42
N TRP C 36 -6.05 -6.32 9.47
CA TRP C 36 -6.32 -7.71 9.81
C TRP C 36 -7.83 -7.97 9.74
N TYR C 37 -8.21 -9.15 9.29
CA TYR C 37 -9.61 -9.52 9.17
C TYR C 37 -9.83 -10.93 9.68
N GLN C 38 -10.94 -11.13 10.38
CA GLN C 38 -11.37 -12.44 10.84
C GLN C 38 -12.60 -12.87 10.06
N GLN C 39 -12.66 -14.14 9.68
CA GLN C 39 -13.80 -14.69 8.98
C GLN C 39 -14.12 -16.06 9.56
N THR C 40 -15.31 -16.19 10.12
CA THR C 40 -15.79 -17.50 10.59
C THR C 40 -16.41 -18.24 9.42
N PRO C 41 -16.07 -19.53 9.22
CA PRO C 41 -16.62 -20.28 8.08
C PRO C 41 -18.15 -20.24 8.02
N GLY C 42 -18.67 -19.66 6.94
CA GLY C 42 -20.10 -19.48 6.75
C GLY C 42 -20.53 -18.02 6.78
N GLN C 43 -19.77 -17.17 7.46
CA GLN C 43 -20.09 -15.76 7.61
C GLN C 43 -19.24 -14.93 6.65
N ALA C 44 -19.24 -13.62 6.84
CA ALA C 44 -18.45 -12.67 6.08
C ALA C 44 -17.27 -12.17 6.91
N PRO C 45 -16.21 -11.72 6.27
CA PRO C 45 -15.07 -11.18 7.02
C PRO C 45 -15.46 -9.98 7.86
N ARG C 46 -14.65 -9.72 8.89
CA ARG C 46 -14.87 -8.60 9.79
C ARG C 46 -13.53 -7.94 10.09
N LEU C 47 -13.51 -6.62 10.05
CA LEU C 47 -12.29 -5.88 10.35
C LEU C 47 -11.97 -5.98 11.84
N LEU C 48 -10.76 -6.44 12.17
CA LEU C 48 -10.29 -6.51 13.53
C LEU C 48 -9.36 -5.35 13.88
N ILE C 49 -8.25 -5.24 13.15
CA ILE C 49 -7.21 -4.26 13.43
C ILE C 49 -6.93 -3.48 12.15
N SER C 50 -7.12 -2.17 12.21
CA SER C 50 -6.70 -1.27 11.14
C SER C 50 -5.45 -0.51 11.57
N GLY C 51 -4.78 0.08 10.59
CA GLY C 51 -3.54 0.81 10.85
C GLY C 51 -2.48 -0.02 11.55
N ALA C 52 -2.43 -1.31 11.26
CA ALA C 52 -1.45 -2.25 11.83
C ALA C 52 -1.62 -2.45 13.33
N SER C 53 -2.25 -1.51 14.02
CA SER C 53 -2.38 -1.61 15.47
C SER C 53 -3.69 -1.08 16.04
N THR C 54 -4.42 -0.21 15.33
CA THR C 54 -5.64 0.36 15.88
C THR C 54 -6.74 -0.70 15.90
N ARG C 55 -7.43 -0.81 17.05
CA ARG C 55 -8.50 -1.78 17.20
C ARG C 55 -9.80 -1.22 16.64
N ALA C 56 -10.50 -2.04 15.85
CA ALA C 56 -11.73 -1.60 15.22
C ALA C 56 -12.86 -1.51 16.25
N THR C 57 -13.96 -0.87 15.83
CA THR C 57 -15.08 -0.65 16.72
C THR C 57 -15.76 -1.98 17.04
N GLY C 58 -15.84 -2.31 18.33
CA GLY C 58 -16.49 -3.53 18.78
C GLY C 58 -15.57 -4.72 18.96
N ILE C 59 -14.32 -4.61 18.56
CA ILE C 59 -13.39 -5.74 18.69
C ILE C 59 -12.93 -5.83 20.14
N PRO C 60 -12.97 -7.01 20.76
CA PRO C 60 -12.55 -7.13 22.16
C PRO C 60 -11.10 -6.71 22.37
N ALA C 61 -10.79 -6.29 23.60
CA ALA C 61 -9.47 -5.78 23.93
C ALA C 61 -8.38 -6.85 23.89
N ARG C 62 -8.75 -8.12 23.75
CA ARG C 62 -7.76 -9.20 23.68
C ARG C 62 -7.05 -9.26 22.33
N PHE C 63 -7.48 -8.48 21.35
CA PHE C 63 -6.86 -8.45 20.03
C PHE C 63 -5.94 -7.24 19.94
N SER C 64 -4.67 -7.48 19.60
CA SER C 64 -3.68 -6.42 19.49
C SER C 64 -2.80 -6.70 18.27
N GLY C 65 -2.45 -5.62 17.55
CA GLY C 65 -1.63 -5.75 16.37
C GLY C 65 -0.41 -4.86 16.44
N SER C 66 0.61 -5.24 15.68
CA SER C 66 1.86 -4.50 15.61
C SER C 66 2.56 -4.87 14.31
N GLY C 67 3.74 -4.29 14.11
CA GLY C 67 4.54 -4.56 12.93
C GLY C 67 4.84 -3.31 12.14
N SER C 68 5.71 -3.48 11.15
CA SER C 68 6.16 -2.38 10.29
C SER C 68 6.88 -2.97 9.09
N GLY C 69 7.14 -2.11 8.11
CA GLY C 69 7.91 -2.48 6.93
C GLY C 69 7.34 -3.67 6.17
N THR C 70 7.96 -4.84 6.38
CA THR C 70 7.52 -6.07 5.72
C THR C 70 7.16 -7.17 6.70
N ASP C 71 7.07 -6.85 7.99
CA ASP C 71 6.74 -7.83 9.02
C ASP C 71 5.66 -7.25 9.93
N PHE C 72 4.49 -7.86 9.93
CA PHE C 72 3.38 -7.46 10.79
C PHE C 72 2.90 -8.67 11.58
N THR C 73 2.31 -8.38 12.74
CA THR C 73 1.95 -9.43 13.69
C THR C 73 0.59 -9.14 14.31
N LEU C 74 -0.25 -10.17 14.37
CA LEU C 74 -1.53 -10.11 15.07
C LEU C 74 -1.46 -10.97 16.31
N THR C 75 -1.83 -10.40 17.46
CA THR C 75 -1.74 -11.08 18.75
C THR C 75 -3.11 -11.17 19.38
N ILE C 76 -3.45 -12.35 19.87
CA ILE C 76 -4.68 -12.59 20.62
C ILE C 76 -4.27 -12.92 22.05
N SER C 77 -4.74 -12.12 23.00
CA SER C 77 -4.31 -12.27 24.39
C SER C 77 -4.70 -13.63 24.94
N SER C 78 -5.99 -13.96 24.90
CA SER C 78 -6.49 -15.25 25.39
C SER C 78 -7.45 -15.81 24.36
N LEU C 79 -7.12 -16.98 23.83
CA LEU C 79 -7.96 -17.62 22.81
C LEU C 79 -9.29 -18.03 23.42
N GLN C 80 -10.36 -17.43 22.93
CA GLN C 80 -11.73 -17.69 23.33
C GLN C 80 -12.44 -18.53 22.27
N PRO C 81 -13.59 -19.13 22.62
CA PRO C 81 -14.27 -20.00 21.64
C PRO C 81 -14.51 -19.36 20.29
N GLU C 82 -14.88 -18.08 20.24
CA GLU C 82 -15.11 -17.44 18.95
C GLU C 82 -13.80 -17.16 18.22
N ASP C 83 -12.70 -17.02 18.96
CA ASP C 83 -11.42 -16.64 18.35
C ASP C 83 -10.71 -17.82 17.69
N PHE C 84 -11.48 -18.76 17.16
CA PHE C 84 -10.95 -19.94 16.46
C PHE C 84 -11.53 -19.94 15.05
N ALA C 85 -10.95 -19.13 14.17
CA ALA C 85 -11.45 -19.00 12.80
C ALA C 85 -10.27 -18.73 11.87
N VAL C 86 -10.57 -18.22 10.68
CA VAL C 86 -9.55 -17.89 9.68
C VAL C 86 -9.27 -16.39 9.77
N TYR C 87 -7.99 -16.03 9.76
CA TYR C 87 -7.57 -14.64 9.86
C TYR C 87 -6.78 -14.26 8.62
N TYR C 88 -7.11 -13.11 8.03
CA TYR C 88 -6.47 -12.61 6.83
C TYR C 88 -5.79 -11.28 7.10
N CYS C 89 -4.70 -11.02 6.38
CA CYS C 89 -4.08 -9.71 6.32
C CYS C 89 -4.23 -9.14 4.92
N GLN C 90 -4.20 -7.81 4.83
CA GLN C 90 -4.33 -7.15 3.53
C GLN C 90 -3.53 -5.86 3.55
N GLN C 91 -3.32 -5.31 2.36
CA GLN C 91 -2.76 -3.99 2.19
C GLN C 91 -3.64 -3.19 1.24
N ASP C 92 -3.98 -1.97 1.64
CA ASP C 92 -4.64 -1.01 0.76
C ASP C 92 -3.67 0.13 0.43
N TYR C 93 -2.40 -0.22 0.23
CA TYR C 93 -1.32 0.73 0.10
C TYR C 93 -0.83 0.90 -1.33
N ASN C 94 -1.06 -0.10 -2.20
CA ASN C 94 -0.61 -0.04 -3.59
C ASN C 94 -1.57 -0.87 -4.45
N LEU C 95 -2.05 -0.27 -5.53
CA LEU C 95 -2.95 -0.98 -6.42
C LEU C 95 -2.21 -2.12 -7.13
N PRO C 96 -2.83 -3.30 -7.23
CA PRO C 96 -4.15 -3.67 -6.70
C PRO C 96 -4.07 -4.02 -5.21
N TYR C 97 -5.14 -3.76 -4.46
CA TYR C 97 -5.16 -4.14 -3.05
C TYR C 97 -5.20 -5.66 -2.95
N THR C 98 -4.32 -6.23 -2.14
CA THR C 98 -4.17 -7.67 -2.04
C THR C 98 -4.39 -8.15 -0.62
N PHE C 99 -4.79 -9.41 -0.51
CA PHE C 99 -4.99 -10.08 0.77
C PHE C 99 -3.95 -11.18 0.95
N GLY C 100 -3.94 -11.78 2.15
CA GLY C 100 -3.13 -12.94 2.41
C GLY C 100 -3.89 -14.23 2.18
N GLN C 101 -3.15 -15.34 2.23
CA GLN C 101 -3.76 -16.64 2.00
C GLN C 101 -4.62 -17.10 3.18
N GLY C 102 -4.42 -16.51 4.35
CA GLY C 102 -5.22 -16.83 5.52
C GLY C 102 -4.49 -17.77 6.47
N THR C 103 -5.05 -17.87 7.67
CA THR C 103 -4.51 -18.75 8.70
C THR C 103 -5.66 -19.23 9.58
N LYS C 104 -5.85 -20.54 9.64
CA LYS C 104 -6.92 -21.15 10.42
C LYS C 104 -6.43 -21.50 11.82
N LEU C 105 -7.22 -21.17 12.83
CA LEU C 105 -6.91 -21.50 14.21
C LEU C 105 -7.71 -22.73 14.63
N GLU C 106 -7.00 -23.81 14.96
CA GLU C 106 -7.61 -25.09 15.29
C GLU C 106 -7.49 -25.36 16.79
N ILE C 107 -8.56 -25.92 17.36
CA ILE C 107 -8.55 -26.26 18.77
C ILE C 107 -7.60 -27.43 19.01
N LYS C 108 -6.71 -27.30 19.98
CA LYS C 108 -5.77 -28.35 20.33
C LYS C 108 -6.37 -29.23 21.41
N ARG C 109 -6.37 -30.55 21.17
CA ARG C 109 -6.93 -31.49 22.13
C ARG C 109 -5.93 -32.60 22.44
N THR C 110 -6.28 -33.83 22.10
CA THR C 110 -5.39 -34.97 22.27
C THR C 110 -5.48 -35.87 21.05
N VAL C 111 -4.40 -36.60 20.78
CA VAL C 111 -4.33 -37.45 19.61
C VAL C 111 -5.30 -38.61 19.75
N ALA C 112 -6.52 -38.42 19.25
CA ALA C 112 -7.57 -39.43 19.34
C ALA C 112 -7.55 -40.28 18.08
N ALA C 113 -7.36 -41.59 18.25
CA ALA C 113 -7.30 -42.49 17.12
C ALA C 113 -8.66 -42.59 16.44
N PRO C 114 -8.69 -42.81 15.13
CA PRO C 114 -9.96 -42.90 14.42
C PRO C 114 -10.63 -44.25 14.60
N SER C 115 -11.94 -44.27 14.37
CA SER C 115 -12.76 -45.48 14.42
C SER C 115 -13.24 -45.76 13.00
N VAL C 116 -12.41 -46.49 12.24
CA VAL C 116 -12.74 -46.80 10.85
C VAL C 116 -13.96 -47.70 10.80
N PHE C 117 -14.83 -47.47 9.81
CA PHE C 117 -16.05 -48.25 9.63
C PHE C 117 -16.24 -48.47 8.13
N ILE C 118 -15.91 -49.68 7.67
CA ILE C 118 -16.03 -50.00 6.25
C ILE C 118 -17.48 -50.26 5.91
N PHE C 119 -17.92 -49.72 4.78
CA PHE C 119 -19.30 -49.86 4.32
C PHE C 119 -19.30 -50.29 2.85
N PRO C 120 -19.76 -51.50 2.55
CA PRO C 120 -19.79 -51.96 1.15
CA PRO C 120 -19.79 -51.96 1.15
C PRO C 120 -20.84 -51.20 0.36
N PRO C 121 -20.80 -51.28 -0.97
CA PRO C 121 -21.80 -50.57 -1.78
C PRO C 121 -23.22 -51.01 -1.47
N SER C 122 -24.16 -50.14 -1.81
CA SER C 122 -25.58 -50.34 -1.52
C SER C 122 -26.29 -50.88 -2.77
N ASP C 123 -27.61 -50.78 -2.79
CA ASP C 123 -28.41 -51.29 -3.90
C ASP C 123 -29.81 -50.68 -3.83
N GLU C 124 -30.34 -50.32 -4.99
CA GLU C 124 -31.70 -49.79 -5.09
C GLU C 124 -32.16 -49.80 -6.55
N ALA C 131 -23.50 -46.84 -6.85
CA ALA C 131 -22.96 -46.70 -5.50
C ALA C 131 -21.48 -47.03 -5.46
N SER C 132 -20.84 -46.74 -4.34
CA SER C 132 -19.42 -47.00 -4.15
C SER C 132 -19.20 -47.50 -2.72
N VAL C 133 -17.94 -47.61 -2.32
CA VAL C 133 -17.56 -48.06 -0.99
C VAL C 133 -17.11 -46.86 -0.19
N VAL C 134 -17.57 -46.76 1.05
CA VAL C 134 -17.29 -45.62 1.93
C VAL C 134 -16.47 -46.11 3.12
N CYS C 135 -15.40 -45.39 3.43
CA CYS C 135 -14.52 -45.69 4.56
C CYS C 135 -14.58 -44.51 5.52
N LEU C 136 -15.40 -44.62 6.55
CA LEU C 136 -15.65 -43.51 7.47
C LEU C 136 -14.71 -43.57 8.66
N LEU C 137 -14.02 -42.46 8.91
CA LEU C 137 -13.26 -42.25 10.13
C LEU C 137 -14.05 -41.28 11.01
N ASN C 138 -14.21 -41.62 12.28
CA ASN C 138 -15.07 -40.87 13.18
C ASN C 138 -14.29 -40.41 14.40
N ASN C 139 -14.39 -39.11 14.70
CA ASN C 139 -13.82 -38.51 15.92
C ASN C 139 -12.33 -38.78 16.03
N PHE C 140 -11.59 -38.34 15.02
CA PHE C 140 -10.15 -38.44 15.01
C PHE C 140 -9.52 -37.05 15.09
N TYR C 141 -8.45 -36.94 15.86
CA TYR C 141 -7.66 -35.72 15.97
C TYR C 141 -6.21 -36.16 16.01
N PRO C 142 -5.32 -35.54 15.22
CA PRO C 142 -5.54 -34.39 14.33
C PRO C 142 -6.27 -34.72 13.04
N ARG C 143 -6.51 -33.70 12.22
CA ARG C 143 -7.15 -33.90 10.92
C ARG C 143 -6.27 -34.70 9.96
N GLU C 144 -4.96 -34.71 10.18
CA GLU C 144 -4.03 -35.38 9.27
C GLU C 144 -4.22 -36.88 9.29
N ALA C 145 -5.02 -37.40 8.36
CA ALA C 145 -5.24 -38.83 8.21
C ALA C 145 -5.06 -39.22 6.75
N LYS C 146 -4.53 -40.42 6.52
CA LYS C 146 -4.24 -40.93 5.19
C LYS C 146 -5.09 -42.16 4.94
N VAL C 147 -6.07 -42.04 4.05
CA VAL C 147 -6.95 -43.15 3.68
C VAL C 147 -6.45 -43.66 2.33
N GLN C 148 -5.60 -44.67 2.36
CA GLN C 148 -5.09 -45.31 1.15
C GLN C 148 -5.92 -46.56 0.87
N TRP C 149 -6.47 -46.64 -0.33
CA TRP C 149 -7.32 -47.76 -0.71
C TRP C 149 -6.50 -48.88 -1.34
N LYS C 150 -6.93 -50.12 -1.10
CA LYS C 150 -6.26 -51.29 -1.62
C LYS C 150 -7.19 -52.05 -2.56
N VAL C 151 -6.64 -52.49 -3.69
CA VAL C 151 -7.35 -53.32 -4.65
C VAL C 151 -6.44 -54.51 -4.95
N ASP C 152 -6.75 -55.65 -4.32
CA ASP C 152 -5.96 -56.88 -4.47
C ASP C 152 -4.50 -56.63 -4.09
N ASN C 153 -4.31 -56.02 -2.92
CA ASN C 153 -2.98 -55.69 -2.37
C ASN C 153 -2.20 -54.80 -3.34
N ALA C 154 -2.76 -53.62 -3.59
CA ALA C 154 -2.14 -52.64 -4.48
C ALA C 154 -2.66 -51.25 -4.12
N LEU C 155 -1.77 -50.27 -4.14
CA LEU C 155 -2.15 -48.90 -3.79
C LEU C 155 -3.03 -48.31 -4.89
N GLN C 156 -3.86 -47.35 -4.48
CA GLN C 156 -4.77 -46.65 -5.38
C GLN C 156 -4.56 -45.15 -5.25
N SER C 157 -4.58 -44.46 -6.39
CA SER C 157 -4.37 -43.02 -6.41
C SER C 157 -5.37 -42.40 -7.38
N GLY C 158 -5.95 -41.27 -6.96
CA GLY C 158 -6.93 -40.57 -7.78
C GLY C 158 -8.20 -41.35 -8.03
N ASN C 159 -8.74 -42.01 -7.00
CA ASN C 159 -9.95 -42.80 -7.15
C ASN C 159 -10.95 -42.62 -6.01
N SER C 160 -10.65 -41.79 -5.02
CA SER C 160 -11.49 -41.65 -3.84
C SER C 160 -11.90 -40.19 -3.66
N GLN C 161 -13.20 -39.97 -3.51
CA GLN C 161 -13.74 -38.66 -3.18
C GLN C 161 -13.84 -38.54 -1.66
N GLU C 162 -13.11 -37.59 -1.09
CA GLU C 162 -13.07 -37.39 0.35
C GLU C 162 -13.82 -36.12 0.74
N SER C 163 -14.20 -36.06 2.01
CA SER C 163 -14.93 -34.91 2.56
C SER C 163 -14.74 -34.90 4.07
N VAL C 164 -14.21 -33.79 4.59
CA VAL C 164 -13.93 -33.65 6.01
C VAL C 164 -14.92 -32.66 6.61
N THR C 165 -15.47 -32.99 7.77
CA THR C 165 -16.35 -32.09 8.48
C THR C 165 -15.54 -31.06 9.26
N GLU C 166 -16.24 -30.06 9.80
CA GLU C 166 -15.60 -29.10 10.66
C GLU C 166 -15.21 -29.74 11.98
N GLN C 167 -14.39 -29.03 12.76
CA GLN C 167 -13.98 -29.52 14.06
C GLN C 167 -15.16 -29.49 15.02
N ASP C 168 -15.41 -30.61 15.69
CA ASP C 168 -16.51 -30.70 16.64
C ASP C 168 -16.39 -29.63 17.70
N SER C 169 -17.47 -28.86 17.87
CA SER C 169 -17.52 -27.75 18.81
C SER C 169 -17.64 -28.21 20.27
N LYS C 170 -17.34 -29.47 20.55
CA LYS C 170 -17.41 -30.00 21.90
C LYS C 170 -16.24 -30.93 22.22
N ASP C 171 -15.84 -31.76 21.24
CA ASP C 171 -14.76 -32.72 21.42
C ASP C 171 -13.52 -32.41 20.60
N SER C 172 -13.57 -31.39 19.74
CA SER C 172 -12.40 -30.96 18.95
C SER C 172 -11.88 -32.11 18.08
N THR C 173 -12.80 -32.79 17.40
CA THR C 173 -12.47 -33.93 16.56
C THR C 173 -13.03 -33.73 15.16
N TYR C 174 -12.57 -34.54 14.23
CA TYR C 174 -12.96 -34.47 12.83
C TYR C 174 -13.54 -35.79 12.38
N SER C 175 -14.22 -35.76 11.23
CA SER C 175 -14.80 -36.95 10.61
C SER C 175 -14.62 -36.87 9.11
N LEU C 176 -14.17 -37.95 8.51
CA LEU C 176 -13.85 -38.02 7.09
C LEU C 176 -14.66 -39.12 6.42
N SER C 177 -15.16 -38.83 5.23
CA SER C 177 -15.95 -39.78 4.43
C SER C 177 -15.22 -40.01 3.11
N SER C 178 -14.23 -40.91 3.14
CA SER C 178 -13.50 -41.27 1.93
C SER C 178 -14.31 -42.30 1.15
N THR C 179 -14.82 -41.89 -0.01
CA THR C 179 -15.66 -42.74 -0.85
C THR C 179 -14.87 -43.14 -2.09
N LEU C 180 -14.43 -44.39 -2.13
CA LEU C 180 -13.68 -44.91 -3.28
C LEU C 180 -14.66 -45.17 -4.42
N THR C 181 -14.71 -44.24 -5.38
CA THR C 181 -15.58 -44.41 -6.52
C THR C 181 -15.04 -45.47 -7.47
N LEU C 182 -15.94 -46.26 -8.03
CA LEU C 182 -15.57 -47.31 -8.97
C LEU C 182 -16.79 -47.66 -9.79
N SER C 183 -16.57 -48.46 -10.84
CA SER C 183 -17.65 -48.91 -11.70
C SER C 183 -18.16 -50.27 -11.22
N LYS C 184 -19.43 -50.54 -11.52
CA LYS C 184 -20.04 -51.80 -11.12
C LYS C 184 -19.40 -52.99 -11.81
N ALA C 185 -18.77 -52.80 -12.97
CA ALA C 185 -18.14 -53.90 -13.67
C ALA C 185 -16.72 -54.14 -13.16
N ASP C 186 -15.95 -53.07 -12.96
CA ASP C 186 -14.57 -53.23 -12.51
C ASP C 186 -14.50 -53.65 -11.04
N TYR C 187 -15.50 -53.26 -10.25
CA TYR C 187 -15.51 -53.65 -8.84
C TYR C 187 -15.70 -55.16 -8.69
N GLU C 188 -16.51 -55.76 -9.55
CA GLU C 188 -16.73 -57.21 -9.52
C GLU C 188 -15.60 -57.99 -10.16
N LYS C 189 -14.53 -57.32 -10.59
CA LYS C 189 -13.36 -57.99 -11.16
C LYS C 189 -12.21 -58.12 -10.18
N HIS C 190 -12.27 -57.42 -9.05
CA HIS C 190 -11.21 -57.47 -8.03
C HIS C 190 -11.73 -58.15 -6.78
N LYS C 191 -10.82 -58.81 -6.07
CA LYS C 191 -11.16 -59.52 -4.85
C LYS C 191 -11.12 -58.60 -3.64
N CYS C 195 -9.71 -50.07 2.71
CA CYS C 195 -8.91 -48.87 2.98
C CYS C 195 -7.78 -49.15 3.96
N GLU C 196 -6.81 -48.24 4.01
CA GLU C 196 -5.66 -48.34 4.92
C GLU C 196 -5.48 -46.98 5.58
N VAL C 197 -5.93 -46.86 6.82
CA VAL C 197 -5.89 -45.59 7.54
C VAL C 197 -4.52 -45.42 8.18
N THR C 198 -3.89 -44.27 7.94
CA THR C 198 -2.57 -43.96 8.50
C THR C 198 -2.69 -42.67 9.32
N HIS C 199 -3.41 -42.77 10.44
CA HIS C 199 -3.58 -41.65 11.36
C HIS C 199 -2.56 -41.76 12.49
N GLN C 200 -2.22 -40.61 13.08
CA GLN C 200 -1.22 -40.59 14.13
C GLN C 200 -1.68 -41.39 15.35
N GLY C 201 -2.98 -41.40 15.63
CA GLY C 201 -3.47 -42.13 16.79
C GLY C 201 -3.20 -43.62 16.70
N LEU C 202 -3.52 -44.23 15.56
CA LEU C 202 -3.27 -45.65 15.36
C LEU C 202 -1.77 -45.87 15.13
N SER C 203 -1.35 -47.14 15.24
CA SER C 203 0.02 -47.52 14.99
C SER C 203 0.15 -48.54 13.86
N SER C 204 -0.94 -48.90 13.19
CA SER C 204 -0.91 -49.87 12.13
C SER C 204 -2.04 -49.55 11.16
N PRO C 205 -1.79 -49.57 9.84
CA PRO C 205 -2.86 -49.29 8.87
C PRO C 205 -4.02 -50.28 8.98
N VAL C 206 -5.16 -49.78 9.46
CA VAL C 206 -6.33 -50.64 9.62
C VAL C 206 -6.94 -50.95 8.25
N THR C 207 -7.52 -52.14 8.14
CA THR C 207 -8.12 -52.57 6.87
C THR C 207 -9.22 -53.59 7.18
N LYS C 208 -10.34 -53.45 6.46
CA LYS C 208 -11.46 -54.37 6.62
C LYS C 208 -12.35 -54.34 5.39
N PHE D 1 9.93 19.05 11.11
CA PHE D 1 9.20 17.94 11.70
C PHE D 1 8.34 17.26 10.63
N LEU D 2 8.83 16.13 10.13
CA LEU D 2 8.16 15.46 9.02
C LEU D 2 6.79 14.95 9.44
N PRO D 3 5.84 14.86 8.52
CA PRO D 3 4.51 14.34 8.85
C PRO D 3 4.53 12.82 9.01
N SER D 4 3.39 12.30 9.44
CA SER D 4 3.25 10.86 9.61
C SER D 4 3.22 10.17 8.24
N ASP D 5 3.28 8.84 8.27
CA ASP D 5 3.29 8.03 7.05
C ASP D 5 1.86 7.72 6.61
N PHE D 6 1.09 8.78 6.38
CA PHE D 6 -0.29 8.64 5.92
C PHE D 6 -0.43 8.71 4.40
N PHE D 7 0.63 9.07 3.68
CA PHE D 7 0.58 9.11 2.23
C PHE D 7 0.72 7.69 1.68
N PRO D 8 -0.28 7.17 0.96
CA PRO D 8 -0.12 5.86 0.32
C PRO D 8 0.69 5.96 -0.96
N SER D 9 0.79 4.86 -1.70
CA SER D 9 1.54 4.89 -2.94
C SER D 9 0.73 5.61 -4.03
N ILE D 10 1.32 5.70 -5.21
CA ILE D 10 0.68 6.37 -6.34
C ILE D 10 -0.13 5.37 -7.16
N GLN E 3 14.47 17.94 -20.16
CA GLN E 3 15.89 18.06 -20.47
C GLN E 3 16.29 19.52 -20.64
N ARG E 4 16.47 20.22 -19.52
CA ARG E 4 16.86 21.63 -19.52
CA ARG E 4 16.86 21.63 -19.52
C ARG E 4 18.33 21.75 -19.13
N THR E 5 19.08 22.52 -19.90
CA THR E 5 20.52 22.66 -19.68
C THR E 5 20.79 23.48 -18.41
N PRO E 6 21.89 23.20 -17.72
CA PRO E 6 22.20 23.93 -16.49
C PRO E 6 22.67 25.35 -16.76
N LYS E 7 22.49 26.21 -15.76
CA LYS E 7 22.99 27.58 -15.76
C LYS E 7 24.12 27.68 -14.74
N ILE E 8 25.22 28.31 -15.15
CA ILE E 8 26.47 28.29 -14.39
C ILE E 8 26.83 29.70 -13.97
N GLN E 9 27.18 29.87 -12.69
CA GLN E 9 27.73 31.11 -12.17
C GLN E 9 29.00 30.79 -11.40
N VAL E 10 30.10 31.43 -11.78
CA VAL E 10 31.38 31.26 -11.10
C VAL E 10 31.73 32.59 -10.43
N TYR E 11 31.95 32.55 -9.13
CA TYR E 11 32.11 33.78 -8.35
C TYR E 11 32.82 33.45 -7.05
N SER E 12 33.20 34.50 -6.33
CA SER E 12 33.83 34.38 -5.02
C SER E 12 32.90 34.90 -3.94
N ARG E 13 32.93 34.25 -2.78
CA ARG E 13 32.09 34.67 -1.66
C ARG E 13 32.42 36.09 -1.23
N HIS E 14 33.68 36.33 -0.89
CA HIS E 14 34.16 37.64 -0.49
C HIS E 14 34.69 38.40 -1.71
N PRO E 15 34.76 39.72 -1.65
CA PRO E 15 35.33 40.49 -2.75
C PRO E 15 36.77 40.05 -3.03
N ALA E 16 37.10 39.97 -4.32
CA ALA E 16 38.40 39.44 -4.72
C ALA E 16 39.53 40.36 -4.28
N GLU E 17 40.62 39.75 -3.81
CA GLU E 17 41.80 40.49 -3.38
C GLU E 17 42.99 39.55 -3.42
N ASN E 18 44.05 39.95 -4.13
CA ASN E 18 45.21 39.08 -4.27
C ASN E 18 45.88 38.83 -2.93
N GLY E 19 46.23 37.58 -2.69
CA GLY E 19 46.91 37.17 -1.47
C GLY E 19 45.98 36.71 -0.36
N LYS E 20 44.78 37.28 -0.28
CA LYS E 20 43.84 36.95 0.78
C LYS E 20 43.04 35.71 0.39
N SER E 21 42.92 34.77 1.32
CA SER E 21 42.17 33.54 1.06
C SER E 21 40.68 33.84 0.91
N ASN E 22 40.03 33.08 0.04
CA ASN E 22 38.62 33.29 -0.27
C ASN E 22 37.99 31.92 -0.57
N PHE E 23 36.80 31.94 -1.15
CA PHE E 23 36.08 30.73 -1.54
C PHE E 23 35.61 30.89 -2.97
N LEU E 24 36.05 29.99 -3.84
CA LEU E 24 35.61 29.95 -5.23
C LEU E 24 34.35 29.10 -5.32
N ASN E 25 33.27 29.69 -5.82
CA ASN E 25 31.98 29.02 -5.92
C ASN E 25 31.61 28.77 -7.38
N CYS E 26 30.89 27.68 -7.61
CA CYS E 26 30.30 27.38 -8.91
C CYS E 26 28.85 26.97 -8.65
N TYR E 27 27.93 27.90 -8.88
CA TYR E 27 26.50 27.68 -8.61
C TYR E 27 25.84 27.19 -9.89
N VAL E 28 25.57 25.89 -9.95
CA VAL E 28 24.91 25.27 -11.10
C VAL E 28 23.42 25.13 -10.77
N SER E 29 22.57 25.64 -11.66
CA SER E 29 21.14 25.65 -11.40
C SER E 29 20.38 25.47 -12.71
N GLY E 30 19.12 25.06 -12.57
CA GLY E 30 18.23 24.99 -13.71
C GLY E 30 18.37 23.76 -14.59
N PHE E 31 18.97 22.70 -14.08
CA PHE E 31 19.21 21.50 -14.87
C PHE E 31 18.26 20.37 -14.47
N HIS E 32 18.13 19.40 -15.37
CA HIS E 32 17.31 18.22 -15.18
C HIS E 32 17.69 17.18 -16.23
N PRO E 33 17.94 15.92 -15.84
CA PRO E 33 17.83 15.34 -14.49
C PRO E 33 18.97 15.73 -13.55
N SER E 34 18.95 15.17 -12.34
CA SER E 34 19.90 15.56 -11.29
C SER E 34 21.30 15.00 -11.54
N ASP E 35 21.46 14.04 -12.44
CA ASP E 35 22.77 13.46 -12.72
C ASP E 35 23.66 14.50 -13.38
N ILE E 36 24.65 15.01 -12.65
CA ILE E 36 25.51 16.08 -13.14
C ILE E 36 26.92 15.87 -12.59
N GLU E 37 27.89 16.46 -13.28
CA GLU E 37 29.30 16.39 -12.89
C GLU E 37 29.90 17.78 -12.98
N VAL E 38 30.50 18.24 -11.88
CA VAL E 38 31.07 19.58 -11.77
C VAL E 38 32.47 19.47 -11.21
N ASP E 39 33.42 20.17 -11.84
CA ASP E 39 34.81 20.22 -11.37
C ASP E 39 35.31 21.65 -11.43
N LEU E 40 35.93 22.10 -10.35
CA LEU E 40 36.57 23.41 -10.32
C LEU E 40 38.01 23.28 -10.83
N LEU E 41 38.40 24.22 -11.69
CA LEU E 41 39.69 24.18 -12.35
C LEU E 41 40.53 25.40 -11.98
N LYS E 42 41.82 25.16 -11.76
CA LYS E 42 42.80 26.22 -11.55
C LYS E 42 43.89 26.07 -12.60
N ASN E 43 43.87 26.96 -13.59
CA ASN E 43 44.83 26.91 -14.70
C ASN E 43 44.78 25.57 -15.42
N GLY E 44 43.58 25.00 -15.52
CA GLY E 44 43.39 23.70 -16.12
C GLY E 44 43.55 22.52 -15.19
N GLU E 45 44.12 22.72 -14.00
CA GLU E 45 44.30 21.64 -13.05
C GLU E 45 43.01 21.37 -12.29
N ARG E 46 42.60 20.11 -12.24
CA ARG E 46 41.37 19.72 -11.57
C ARG E 46 41.58 19.76 -10.05
N ILE E 47 40.96 20.74 -9.40
CA ILE E 47 41.05 20.84 -7.94
C ILE E 47 40.31 19.68 -7.31
N GLU E 48 40.97 19.00 -6.37
CA GLU E 48 40.40 17.80 -5.78
C GLU E 48 39.62 18.07 -4.50
N LYS E 49 40.03 19.05 -3.70
CA LYS E 49 39.37 19.35 -2.43
C LYS E 49 38.18 20.28 -2.69
N VAL E 50 37.14 19.70 -3.29
CA VAL E 50 35.94 20.43 -3.68
C VAL E 50 34.74 19.82 -2.98
N GLU E 51 33.98 20.64 -2.27
CA GLU E 51 32.75 20.24 -1.62
C GLU E 51 31.55 20.84 -2.35
N HIS E 52 30.40 20.19 -2.20
CA HIS E 52 29.17 20.64 -2.82
C HIS E 52 28.04 20.65 -1.80
N SER E 53 26.97 21.37 -2.13
CA SER E 53 25.83 21.51 -1.25
C SER E 53 24.90 20.30 -1.39
N ASP E 54 23.75 20.36 -0.74
CA ASP E 54 22.77 19.29 -0.86
C ASP E 54 21.89 19.51 -2.09
N LEU E 55 21.31 18.42 -2.57
CA LEU E 55 20.53 18.44 -3.81
C LEU E 55 19.11 18.91 -3.53
N SER E 56 18.73 20.03 -4.12
CA SER E 56 17.38 20.56 -4.00
CA SER E 56 17.38 20.57 -4.00
C SER E 56 16.94 21.11 -5.35
N PHE E 57 15.64 21.35 -5.48
CA PHE E 57 15.07 21.82 -6.73
C PHE E 57 14.22 23.06 -6.50
N SER E 58 13.95 23.77 -7.58
CA SER E 58 13.18 25.01 -7.54
C SER E 58 11.70 24.71 -7.75
N LYS E 59 10.90 25.76 -7.98
CA LYS E 59 9.47 25.56 -8.20
C LYS E 59 9.20 24.88 -9.53
N ASP E 60 10.03 25.13 -10.55
CA ASP E 60 9.90 24.49 -11.85
C ASP E 60 10.56 23.12 -11.90
N TRP E 61 10.84 22.52 -10.74
CA TRP E 61 11.40 21.20 -10.55
C TRP E 61 12.85 21.08 -11.01
N SER E 62 13.49 22.17 -11.42
CA SER E 62 14.88 22.12 -11.84
C SER E 62 15.80 22.13 -10.63
N PHE E 63 16.80 21.26 -10.66
CA PHE E 63 17.72 21.12 -9.53
C PHE E 63 18.75 22.25 -9.54
N TYR E 64 19.45 22.38 -8.41
CA TYR E 64 20.56 23.33 -8.30
C TYR E 64 21.54 22.84 -7.24
N LEU E 65 22.82 23.07 -7.49
CA LEU E 65 23.89 22.66 -6.59
C LEU E 65 24.89 23.79 -6.46
N LEU E 66 25.64 23.77 -5.36
CA LEU E 66 26.67 24.77 -5.08
C LEU E 66 27.98 24.04 -4.78
N TYR E 67 28.88 24.02 -5.76
CA TYR E 67 30.21 23.47 -5.58
C TYR E 67 31.16 24.60 -5.18
N TYR E 68 32.03 24.31 -4.21
CA TYR E 68 32.89 25.35 -3.68
C TYR E 68 34.19 24.75 -3.16
N THR E 69 35.19 25.62 -2.99
CA THR E 69 36.47 25.26 -2.39
C THR E 69 37.16 26.54 -1.98
N GLU E 70 38.08 26.42 -1.02
CA GLU E 70 38.85 27.57 -0.55
C GLU E 70 40.05 27.79 -1.46
N PHE E 71 40.20 29.02 -1.95
CA PHE E 71 41.28 29.35 -2.86
C PHE E 71 41.86 30.72 -2.49
N THR E 72 43.02 31.03 -3.07
CA THR E 72 43.69 32.30 -2.86
C THR E 72 43.98 32.92 -4.22
N PRO E 73 43.22 33.93 -4.64
CA PRO E 73 43.46 34.53 -5.95
C PRO E 73 44.75 35.31 -5.98
N THR E 74 45.47 35.21 -7.09
CA THR E 74 46.72 35.93 -7.30
C THR E 74 46.73 36.51 -8.70
N GLU E 75 47.73 37.36 -8.96
CA GLU E 75 47.89 37.91 -10.30
C GLU E 75 48.31 36.81 -11.27
N LYS E 76 47.64 36.75 -12.42
CA LYS E 76 47.88 35.74 -13.45
C LYS E 76 47.65 34.32 -12.88
N ASP E 77 46.39 34.06 -12.56
CA ASP E 77 45.98 32.74 -12.07
C ASP E 77 44.51 32.57 -12.44
N GLU E 78 44.26 31.84 -13.52
CA GLU E 78 42.91 31.69 -14.05
C GLU E 78 42.19 30.52 -13.38
N TYR E 79 40.96 30.77 -12.94
CA TYR E 79 40.11 29.75 -12.34
C TYR E 79 38.86 29.58 -13.18
N ALA E 80 38.35 28.35 -13.24
CA ALA E 80 37.19 28.06 -14.06
C ALA E 80 36.40 26.92 -13.43
N CYS E 81 35.24 26.63 -14.01
CA CYS E 81 34.35 25.57 -13.57
C CYS E 81 33.93 24.75 -14.77
N ARG E 82 34.14 23.43 -14.70
CA ARG E 82 33.80 22.52 -15.77
C ARG E 82 32.60 21.68 -15.36
N VAL E 83 31.49 21.84 -16.08
CA VAL E 83 30.25 21.15 -15.78
C VAL E 83 29.87 20.27 -16.97
N ASN E 84 29.41 19.06 -16.68
CA ASN E 84 28.98 18.12 -17.71
C ASN E 84 27.58 17.62 -17.39
N HIS E 85 26.78 17.41 -18.43
CA HIS E 85 25.39 17.01 -18.27
C HIS E 85 24.95 16.26 -19.52
N VAL E 86 23.83 15.55 -19.40
CA VAL E 86 23.32 14.80 -20.55
C VAL E 86 22.84 15.75 -21.64
N THR E 87 22.43 16.96 -21.28
CA THR E 87 22.02 17.94 -22.27
C THR E 87 23.20 18.55 -23.03
N LEU E 88 24.43 18.22 -22.66
CA LEU E 88 25.63 18.76 -23.28
C LEU E 88 26.39 17.64 -23.95
N SER E 89 26.56 17.75 -25.27
CA SER E 89 27.45 16.84 -25.99
C SER E 89 28.92 17.13 -25.70
N GLN E 90 29.24 18.37 -25.32
CA GLN E 90 30.59 18.77 -24.96
C GLN E 90 30.53 19.43 -23.59
N PRO E 91 31.44 19.08 -22.67
CA PRO E 91 31.43 19.71 -21.35
C PRO E 91 31.69 21.21 -21.45
N LYS E 92 30.96 21.98 -20.65
CA LYS E 92 31.01 23.43 -20.69
C LYS E 92 31.96 23.96 -19.62
N ILE E 93 32.71 25.00 -19.97
CA ILE E 93 33.66 25.64 -19.05
C ILE E 93 33.29 27.12 -18.95
N VAL E 94 33.20 27.62 -17.73
CA VAL E 94 32.88 29.02 -17.46
C VAL E 94 34.01 29.59 -16.63
N LYS E 95 34.79 30.50 -17.23
CA LYS E 95 35.89 31.13 -16.52
C LYS E 95 35.36 32.08 -15.45
N TRP E 96 36.23 32.38 -14.48
CA TRP E 96 35.87 33.25 -13.36
C TRP E 96 36.33 34.67 -13.63
N ASP E 97 35.43 35.62 -13.44
CA ASP E 97 35.72 37.05 -13.55
C ASP E 97 35.50 37.70 -12.19
N ARG E 98 36.46 38.51 -11.76
CA ARG E 98 36.39 39.13 -10.45
C ARG E 98 35.26 40.16 -10.35
N ASP E 99 34.72 40.61 -11.48
CA ASP E 99 33.58 41.52 -11.48
C ASP E 99 32.37 40.83 -12.10
N MET E 100 32.08 39.62 -11.65
CA MET E 100 30.97 38.84 -12.21
C MET E 100 30.43 37.86 -11.17
#